data_3J1S
#
_entry.id   3J1S
#
_cell.length_a   1
_cell.length_b   1
_cell.length_c   1
_cell.angle_alpha   90
_cell.angle_beta   90
_cell.angle_gamma   90
#
_symmetry.space_group_name_H-M   'P 1'
#
loop_
_entity.id
_entity.type
_entity.pdbx_description
1 polymer 'A20 light chain'
2 polymer 'A20 heavy chain'
3 polymer 'Capsid protein VP1'
#
loop_
_entity_poly.entity_id
_entity_poly.type
_entity_poly.pdbx_seq_one_letter_code
_entity_poly.pdbx_strand_id
1 'polypeptide(L)'
;DIQMTQSSSSFSVSLGDRVTITCKASEDIHNRLAWYKQKPGNAPRLLISGATSLETGVPSRFSGSGSGKDYTLSITSLQN
EDVATYYCQQYWIGPFTFGSGTNLEIKRADAAPTVSIFPPSSEQLTSGGASVVCFLNNFYPKDINVKWKIDGSERQNGVL
NSWTDQDSKDSTYSMSSTLTLTKDEYERHNSYTCEATHKTSTSPIVKSFNRNEC
;
L
2 'polypeptide(L)'
;SDVQLQESGPDLVKPSQSLSLTCTVTGYSITSGYTWHWIRQFPGNKQEWMGYIHFSGYTNYNPSLKSRVSITRDTSKNQF
FLHLNSVTTEDTATYYCARGDYGYEWFTYWGQGTLVTVSAAKTTPPSVYPLAPGCGDTTGSSVTLGCLVKGYFPESVTVT
WNSGSLSSSVHTFPALLQSGLYTMSSSVTVPSSTWPSQTVTCSVAHPASSTTVDKKLE
;
H
3 'polypeptide(L)'
;GADGVGNSSGNWHCDSTWMGDRVITTSTRTWALPTYNNHLYKQISSQSGASNDNHYFGYSTPWGYFDFNRFHCHFSPRDW
QRLINNNWGFRPKRLNFKLFNIQVKEVTQNDGTTTIANNLTSTVQVFTDSEYQLPYVLGSAHQGCLPPFPADVFMVPQYG
YLTLNNGSQAVGRSSFYCLEYFPSQMLRTGNNFTFSYTFEDVPFHSSYAHSQSLDRLMNPLIDQYLYYLSRTNTPSGTTT
QSRLQFSQAGASDIRDQSRNWLPGPCYRQQRVSKTSADNNNSEYSWTGATKYHLNGRDSLVNPGPAMASHKDDEEKFFPQ
SGVLIFGKQGSEKTNVDIEKVMITDEEEIRTTNPVATEQYGSVSTNLQRGNRQAATADVNTQGVLPGMVWQDRDVYLQGP
IWAKIPHTDGHFHPSPLMGGFGLKHPPPQILIKNTPVPANPSTTFSAAKFASFITQYSTGQVSVEIEWELQKENSKRWNP
EIQYTSNYNKSVNVDFTVDTNGVYSEPRPIGTRYLTRNL
;
A
#
# COMPACT_ATOMS: atom_id res chain seq x y z
N ASP A 1 10.78 0.89 -1.46
CA ASP A 1 11.26 -0.30 -0.71
C ASP A 1 12.74 -0.38 -0.80
N ILE A 2 13.38 -0.95 0.25
CA ILE A 2 14.80 -1.08 0.26
C ILE A 2 15.09 -2.36 -0.45
N GLN A 3 16.10 -2.34 -1.34
CA GLN A 3 16.39 -3.54 -2.09
C GLN A 3 17.64 -4.17 -1.56
N MET A 4 17.60 -5.50 -1.35
CA MET A 4 18.73 -6.23 -0.86
C MET A 4 19.29 -7.11 -1.94
N THR A 5 20.62 -7.09 -2.11
CA THR A 5 21.21 -7.92 -3.13
C THR A 5 22.19 -8.86 -2.50
N GLN A 6 22.08 -10.16 -2.82
CA GLN A 6 22.95 -11.15 -2.24
C GLN A 6 23.93 -11.60 -3.29
N SER A 7 25.19 -11.76 -2.86
CA SER A 7 26.32 -11.98 -3.72
C SER A 7 26.31 -13.22 -4.54
N SER A 8 26.90 -14.29 -4.00
CA SER A 8 26.96 -15.44 -4.83
C SER A 8 25.59 -16.02 -4.84
N SER A 9 25.09 -16.34 -6.04
CA SER A 9 23.80 -16.96 -6.16
C SER A 9 23.92 -18.35 -5.63
N SER A 10 25.06 -19.03 -5.89
CA SER A 10 25.20 -20.39 -5.44
C SER A 10 26.64 -20.69 -5.10
N PHE A 11 26.86 -21.63 -4.16
CA PHE A 11 28.17 -22.08 -3.77
C PHE A 11 28.08 -23.56 -3.52
N SER A 12 29.16 -24.32 -3.81
CA SER A 12 29.19 -25.72 -3.47
C SER A 12 30.27 -25.86 -2.46
N VAL A 13 30.01 -26.64 -1.39
CA VAL A 13 30.97 -26.75 -0.36
C VAL A 13 30.77 -28.03 0.37
N SER A 14 31.81 -28.47 1.07
CA SER A 14 31.71 -29.73 1.73
C SER A 14 31.86 -29.46 3.18
N LEU A 15 31.50 -30.47 3.98
CA LEU A 15 31.55 -30.38 5.40
C LEU A 15 32.95 -29.98 5.76
N GLY A 16 33.10 -28.98 6.66
CA GLY A 16 34.38 -28.59 7.15
C GLY A 16 34.87 -27.32 6.53
N ASP A 17 34.40 -26.94 5.33
CA ASP A 17 34.94 -25.75 4.72
C ASP A 17 34.29 -24.51 5.27
N ARG A 18 34.93 -23.33 5.02
CA ARG A 18 34.41 -22.08 5.51
C ARG A 18 33.76 -21.37 4.37
N VAL A 19 32.56 -20.81 4.59
CA VAL A 19 31.88 -20.15 3.52
C VAL A 19 31.48 -18.77 3.95
N THR A 20 31.50 -17.80 3.01
CA THR A 20 31.12 -16.44 3.33
C THR A 20 30.11 -15.96 2.31
N ILE A 21 29.01 -15.33 2.78
CA ILE A 21 27.96 -14.85 1.91
C ILE A 21 27.80 -13.38 2.16
N THR A 22 27.48 -12.58 1.12
CA THR A 22 27.37 -11.15 1.31
C THR A 22 26.00 -10.67 0.95
N CYS A 23 25.55 -9.56 1.60
CA CYS A 23 24.26 -8.97 1.36
C CYS A 23 24.42 -7.47 1.42
N LYS A 24 23.99 -6.74 0.38
CA LYS A 24 24.09 -5.31 0.50
C LYS A 24 22.76 -4.67 0.26
N ALA A 25 22.50 -3.55 0.98
CA ALA A 25 21.24 -2.88 0.95
C ALA A 25 21.35 -1.62 0.16
N SER A 26 20.21 -1.22 -0.46
CA SER A 26 20.11 -0.06 -1.28
C SER A 26 20.34 1.16 -0.45
N GLU A 27 19.97 1.08 0.85
CA GLU A 27 20.14 2.21 1.72
C GLU A 27 20.59 1.70 3.05
N ASP A 28 21.06 2.62 3.92
CA ASP A 28 21.59 2.28 5.21
C ASP A 28 20.50 1.70 6.08
N ILE A 29 20.62 0.39 6.38
CA ILE A 29 19.79 -0.40 7.23
C ILE A 29 20.04 -0.24 8.71
N HIS A 30 21.24 0.20 9.11
CA HIS A 30 21.55 0.40 10.50
C HIS A 30 21.50 -0.87 11.30
N ASN A 31 22.02 -1.97 10.71
CA ASN A 31 22.20 -3.24 11.32
C ASN A 31 20.89 -3.90 11.65
N ARG A 32 19.79 -3.43 11.04
CA ARG A 32 18.58 -4.14 11.29
C ARG A 32 18.49 -5.15 10.20
N LEU A 33 19.36 -6.18 10.27
CA LEU A 33 19.38 -7.17 9.24
C LEU A 33 19.45 -8.54 9.87
N ALA A 34 18.72 -9.50 9.27
CA ALA A 34 18.69 -10.84 9.82
C ALA A 34 19.03 -11.81 8.73
N TRP A 35 19.50 -13.01 9.13
CA TRP A 35 19.85 -14.03 8.18
C TRP A 35 19.04 -15.26 8.48
N TYR A 36 18.55 -15.92 7.40
CA TYR A 36 17.74 -17.09 7.54
C TYR A 36 18.31 -18.18 6.72
N LYS A 37 18.02 -19.44 7.13
CA LYS A 37 18.48 -20.61 6.43
C LYS A 37 17.29 -21.40 5.97
N GLN A 38 17.28 -21.90 4.72
CA GLN A 38 16.13 -22.66 4.27
C GLN A 38 16.58 -23.90 3.55
N LYS A 39 16.12 -25.08 4.03
CA LYS A 39 16.48 -26.35 3.44
C LYS A 39 15.47 -26.65 2.34
N PRO A 40 15.80 -27.53 1.42
CA PRO A 40 14.87 -27.82 0.37
C PRO A 40 13.63 -28.47 0.88
N GLY A 41 12.46 -27.98 0.45
CA GLY A 41 11.20 -28.54 0.87
C GLY A 41 10.96 -28.14 2.28
N ASN A 42 11.73 -27.16 2.79
CA ASN A 42 11.56 -26.76 4.16
C ASN A 42 11.40 -25.26 4.21
N ALA A 43 10.90 -24.76 5.35
CA ALA A 43 10.71 -23.36 5.61
C ALA A 43 11.99 -22.81 6.17
N PRO A 44 12.11 -21.50 6.13
CA PRO A 44 13.30 -20.84 6.60
C PRO A 44 13.46 -20.89 8.11
N ARG A 45 14.72 -20.74 8.61
CA ARG A 45 15.01 -20.73 10.02
C ARG A 45 15.93 -19.57 10.31
N LEU A 46 15.77 -18.93 11.48
CA LEU A 46 16.49 -17.72 11.83
C LEU A 46 17.84 -18.04 12.40
N LEU A 47 18.92 -17.65 11.71
CA LEU A 47 20.26 -17.79 12.21
C LEU A 47 20.75 -16.64 13.04
N ILE A 48 20.65 -15.41 12.49
CA ILE A 48 21.23 -14.25 13.13
C ILE A 48 20.30 -13.09 12.99
N SER A 49 20.30 -12.20 14.01
CA SER A 49 19.49 -11.02 13.95
C SER A 49 20.32 -9.86 14.43
N GLY A 50 19.97 -8.63 14.03
CA GLY A 50 20.70 -7.48 14.50
C GLY A 50 22.09 -7.52 13.93
N ALA A 51 22.23 -8.19 12.78
CA ALA A 51 23.44 -8.28 12.02
C ALA A 51 24.46 -9.17 12.64
N THR A 52 24.50 -9.31 13.98
CA THR A 52 25.60 -10.08 14.49
C THR A 52 25.16 -10.96 15.62
N SER A 53 23.89 -10.85 16.08
CA SER A 53 23.53 -11.64 17.22
C SER A 53 22.99 -12.96 16.77
N LEU A 54 23.56 -14.06 17.33
CA LEU A 54 23.15 -15.39 17.02
C LEU A 54 21.87 -15.69 17.74
N GLU A 55 20.98 -16.44 17.07
CA GLU A 55 19.74 -16.82 17.66
C GLU A 55 20.04 -17.93 18.62
N THR A 56 19.14 -18.15 19.59
CA THR A 56 19.40 -19.16 20.58
C THR A 56 19.43 -20.49 19.92
N GLY A 57 20.44 -21.30 20.29
CA GLY A 57 20.53 -22.63 19.81
C GLY A 57 21.35 -22.70 18.57
N VAL A 58 21.75 -21.54 17.99
CA VAL A 58 22.53 -21.58 16.79
C VAL A 58 23.97 -21.81 17.16
N PRO A 59 24.64 -22.65 16.41
CA PRO A 59 26.01 -22.98 16.71
C PRO A 59 26.92 -21.81 16.47
N SER A 60 28.06 -21.78 17.17
CA SER A 60 29.01 -20.69 17.13
C SER A 60 29.68 -20.59 15.80
N ARG A 61 29.56 -21.62 14.95
CA ARG A 61 30.24 -21.59 13.68
C ARG A 61 29.69 -20.46 12.84
N PHE A 62 28.41 -20.11 13.03
CA PHE A 62 27.80 -19.05 12.27
C PHE A 62 28.14 -17.73 12.88
N SER A 63 28.40 -16.71 12.03
CA SER A 63 28.70 -15.40 12.54
C SER A 63 28.30 -14.41 11.49
N GLY A 64 27.97 -13.17 11.93
CA GLY A 64 27.57 -12.17 10.98
C GLY A 64 28.28 -10.91 11.32
N SER A 65 28.51 -10.05 10.31
CA SER A 65 29.16 -8.78 10.53
C SER A 65 28.65 -7.83 9.50
N GLY A 66 28.97 -6.53 9.67
CA GLY A 66 28.57 -5.60 8.65
C GLY A 66 28.04 -4.36 9.29
N SER A 67 27.83 -3.32 8.46
CA SER A 67 27.29 -2.10 8.93
C SER A 67 26.89 -1.34 7.72
N GLY A 68 25.98 -0.35 7.88
CA GLY A 68 25.58 0.45 6.76
C GLY A 68 24.91 -0.41 5.74
N LYS A 69 25.43 -0.32 4.48
CA LYS A 69 24.94 -1.00 3.31
C LYS A 69 25.37 -2.44 3.21
N ASP A 70 26.62 -2.80 3.76
CA ASP A 70 27.07 -4.14 3.46
C ASP A 70 27.25 -5.01 4.67
N TYR A 71 26.72 -6.25 4.57
CA TYR A 71 26.72 -7.21 5.65
C TYR A 71 27.19 -8.54 5.12
N THR A 72 27.70 -9.41 6.03
CA THR A 72 28.20 -10.68 5.59
C THR A 72 27.88 -11.75 6.60
N LEU A 73 27.67 -12.99 6.12
CA LEU A 73 27.39 -14.14 6.93
C LEU A 73 28.50 -15.12 6.71
N SER A 74 29.10 -15.65 7.80
CA SER A 74 30.18 -16.57 7.60
C SER A 74 29.93 -17.83 8.38
N ILE A 75 30.27 -18.99 7.76
CA ILE A 75 30.15 -20.26 8.40
C ILE A 75 31.55 -20.80 8.48
N THR A 76 32.09 -20.96 9.70
CA THR A 76 33.47 -21.33 9.91
C THR A 76 33.79 -22.68 9.37
N SER A 77 33.02 -23.71 9.77
CA SER A 77 33.26 -25.05 9.32
C SER A 77 31.92 -25.60 8.98
N LEU A 78 31.67 -25.88 7.70
CA LEU A 78 30.36 -26.31 7.29
C LEU A 78 30.03 -27.65 7.85
N GLN A 79 28.73 -27.83 8.20
CA GLN A 79 28.24 -29.08 8.69
C GLN A 79 27.19 -29.54 7.72
N ASN A 80 26.86 -30.84 7.77
CA ASN A 80 25.94 -31.45 6.85
C ASN A 80 24.62 -30.78 6.95
N GLU A 81 24.25 -30.37 8.17
CA GLU A 81 23.00 -29.72 8.41
C GLU A 81 22.94 -28.42 7.67
N ASP A 82 24.12 -27.84 7.37
CA ASP A 82 24.33 -26.54 6.77
C ASP A 82 23.81 -26.40 5.36
N VAL A 83 23.65 -27.50 4.58
CA VAL A 83 23.17 -27.35 3.22
C VAL A 83 21.87 -26.62 3.27
N ALA A 84 21.73 -25.56 2.45
CA ALA A 84 20.49 -24.84 2.40
C ALA A 84 20.70 -23.56 1.64
N THR A 85 19.63 -22.78 1.50
CA THR A 85 19.75 -21.51 0.84
C THR A 85 19.65 -20.49 1.94
N TYR A 86 20.42 -19.39 1.84
CA TYR A 86 20.43 -18.43 2.91
C TYR A 86 19.91 -17.13 2.39
N TYR A 87 19.06 -16.46 3.18
CA TYR A 87 18.49 -15.21 2.77
C TYR A 87 18.77 -14.19 3.82
N CYS A 88 18.98 -12.93 3.39
CA CYS A 88 19.13 -11.85 4.32
C CYS A 88 17.83 -11.09 4.27
N GLN A 89 17.47 -10.41 5.37
CA GLN A 89 16.22 -9.69 5.42
C GLN A 89 16.47 -8.44 6.20
N GLN A 90 15.87 -7.32 5.75
CA GLN A 90 16.00 -6.05 6.38
C GLN A 90 14.72 -5.72 7.08
N TYR A 91 14.81 -5.20 8.32
CA TYR A 91 13.61 -4.79 9.02
C TYR A 91 13.78 -3.39 9.51
N TRP A 92 14.50 -2.55 8.74
CA TRP A 92 14.66 -1.17 9.06
C TRP A 92 13.35 -0.46 8.84
N ILE A 93 12.69 -0.74 7.70
CA ILE A 93 11.46 -0.06 7.40
C ILE A 93 10.54 -0.99 6.67
N GLY A 94 9.23 -0.69 6.72
CA GLY A 94 8.27 -1.49 5.99
C GLY A 94 8.27 -0.98 4.58
N PRO A 95 8.03 -1.85 3.64
CA PRO A 95 7.83 -3.24 3.94
C PRO A 95 9.13 -3.96 4.11
N PHE A 96 9.14 -5.06 4.88
CA PHE A 96 10.36 -5.79 5.06
C PHE A 96 10.66 -6.44 3.72
N THR A 97 11.96 -6.51 3.34
CA THR A 97 12.34 -7.08 2.08
C THR A 97 13.44 -8.10 2.27
N PHE A 98 13.52 -9.09 1.37
CA PHE A 98 14.48 -10.17 1.46
C PHE A 98 15.43 -10.10 0.30
N GLY A 99 16.61 -10.74 0.46
CA GLY A 99 17.57 -10.82 -0.60
C GLY A 99 17.15 -11.96 -1.48
N SER A 100 17.83 -12.12 -2.64
CA SER A 100 17.53 -13.13 -3.61
C SER A 100 17.89 -14.49 -3.10
N GLY A 101 18.85 -14.58 -2.15
CA GLY A 101 19.18 -15.87 -1.61
C GLY A 101 20.44 -16.40 -2.24
N THR A 102 21.18 -17.22 -1.46
CA THR A 102 22.37 -17.86 -1.92
C THR A 102 22.20 -19.32 -1.64
N ASN A 103 22.39 -20.18 -2.66
CA ASN A 103 22.19 -21.59 -2.47
C ASN A 103 23.51 -22.20 -2.18
N LEU A 104 23.58 -22.92 -1.04
CA LEU A 104 24.80 -23.54 -0.64
C LEU A 104 24.58 -25.00 -0.81
N GLU A 105 25.27 -25.61 -1.77
CA GLU A 105 25.03 -27.01 -1.87
C GLU A 105 26.15 -27.66 -1.17
N ILE A 106 25.85 -28.34 -0.05
CA ILE A 106 26.92 -29.05 0.52
C ILE A 106 26.65 -30.39 0.09
N LYS A 107 27.48 -30.86 -0.84
CA LYS A 107 27.28 -32.17 -1.31
C LYS A 107 25.85 -32.32 -1.86
N ARG A 108 32.29 -33.72 -3.84
CA ARG A 108 32.53 -35.08 -3.38
C ARG A 108 33.18 -35.86 -4.53
N ALA A 109 33.56 -37.10 -4.25
CA ALA A 109 34.21 -37.95 -5.24
C ALA A 109 33.32 -38.21 -6.46
N ASP A 110 33.94 -38.33 -7.62
CA ASP A 110 33.20 -38.62 -8.83
C ASP A 110 32.55 -39.98 -8.65
N ALA A 111 31.35 -40.12 -9.18
CA ALA A 111 30.61 -41.36 -9.09
C ALA A 111 29.85 -41.54 -10.40
N ALA A 112 30.03 -42.68 -11.04
CA ALA A 112 29.34 -42.99 -12.29
C ALA A 112 27.89 -43.34 -11.94
N PRO A 113 26.94 -43.00 -12.81
CA PRO A 113 25.52 -43.30 -12.56
C PRO A 113 25.08 -44.75 -12.74
N THR A 114 24.13 -45.21 -11.90
CA THR A 114 23.56 -46.55 -12.02
C THR A 114 22.38 -46.29 -12.96
N VAL A 115 22.40 -46.89 -14.14
CA VAL A 115 21.38 -46.64 -15.15
C VAL A 115 20.37 -47.76 -15.33
N SER A 116 19.11 -47.40 -15.51
CA SER A 116 18.04 -48.38 -15.70
C SER A 116 17.02 -47.92 -16.75
N ILE A 117 16.68 -48.81 -17.69
CA ILE A 117 15.70 -48.49 -18.72
C ILE A 117 14.38 -49.22 -18.44
N PHE A 118 13.25 -48.57 -18.72
CA PHE A 118 11.93 -49.14 -18.46
C PHE A 118 10.97 -48.91 -19.63
N PRO A 119 10.39 -49.99 -20.18
CA PRO A 119 9.45 -49.95 -21.31
C PRO A 119 8.13 -49.36 -20.87
N PRO A 120 7.25 -49.04 -21.84
CA PRO A 120 5.93 -48.48 -21.53
C PRO A 120 5.08 -49.52 -20.81
N SER A 121 4.20 -49.08 -19.91
CA SER A 121 3.36 -50.02 -19.19
C SER A 121 2.17 -50.41 -20.06
N SER A 122 1.51 -51.50 -19.71
CA SER A 122 0.34 -51.96 -20.45
C SER A 122 -0.78 -50.94 -20.31
N GLU A 123 -0.87 -50.34 -19.12
CA GLU A 123 -1.87 -49.34 -18.79
C GLU A 123 -1.77 -48.10 -19.68
N GLN A 124 -0.55 -47.66 -19.97
CA GLN A 124 -0.36 -46.49 -20.83
C GLN A 124 -0.59 -46.86 -22.29
N LEU A 125 -0.07 -48.01 -22.70
CA LEU A 125 -0.26 -48.46 -24.07
C LEU A 125 -1.74 -48.58 -24.35
N THR A 126 -2.50 -49.04 -23.36
CA THR A 126 -3.95 -49.18 -23.47
C THR A 126 -4.55 -47.82 -23.83
N SER A 127 -4.09 -46.76 -23.16
CA SER A 127 -4.61 -45.42 -23.41
C SER A 127 -4.05 -44.77 -24.68
N GLY A 128 -3.21 -45.50 -25.40
CA GLY A 128 -2.65 -44.98 -26.64
C GLY A 128 -1.31 -44.28 -26.56
N GLY A 129 -0.76 -44.20 -25.35
CA GLY A 129 0.54 -43.55 -25.20
C GLY A 129 1.68 -44.54 -25.05
N ALA A 130 2.90 -44.03 -25.05
CA ALA A 130 4.07 -44.88 -24.89
C ALA A 130 5.26 -44.09 -24.37
N SER A 131 5.55 -44.24 -23.09
CA SER A 131 6.69 -43.56 -22.48
C SER A 131 7.77 -44.54 -21.99
N VAL A 132 9.00 -44.32 -22.43
CA VAL A 132 10.13 -45.15 -22.04
C VAL A 132 10.94 -44.30 -21.06
N VAL A 133 11.35 -44.89 -19.94
CA VAL A 133 12.09 -44.15 -18.93
C VAL A 133 13.47 -44.70 -18.63
N CYS A 134 14.37 -43.81 -18.25
CA CYS A 134 15.72 -44.18 -17.85
C CYS A 134 16.12 -43.39 -16.62
N PHE A 135 16.42 -44.12 -15.55
CA PHE A 135 16.86 -43.54 -14.29
C PHE A 135 18.38 -43.60 -14.30
N LEU A 136 19.02 -42.49 -13.95
CA LEU A 136 20.48 -42.41 -13.85
C LEU A 136 20.69 -42.00 -12.39
N ASN A 137 20.85 -43.01 -11.53
CA ASN A 137 21.00 -42.78 -10.10
C ASN A 137 22.38 -42.71 -9.48
N ASN A 138 22.47 -41.84 -8.47
CA ASN A 138 23.67 -41.63 -7.66
C ASN A 138 24.98 -41.36 -8.39
N PHE A 139 25.05 -40.20 -9.02
CA PHE A 139 26.24 -39.78 -9.74
C PHE A 139 26.75 -38.40 -9.28
N TYR A 140 27.95 -38.05 -9.75
CA TYR A 140 28.58 -36.77 -9.43
C TYR A 140 29.79 -36.65 -10.35
N PRO A 141 30.04 -35.46 -10.91
CA PRO A 141 29.29 -34.20 -10.73
C PRO A 141 27.91 -34.20 -11.41
N LYS A 142 27.15 -33.14 -11.14
CA LYS A 142 25.78 -32.96 -11.63
C LYS A 142 25.56 -33.06 -13.15
N ASP A 143 26.45 -32.45 -13.92
CA ASP A 143 26.33 -32.46 -15.38
C ASP A 143 26.34 -33.88 -15.99
N ILE A 144 25.30 -34.17 -16.76
CA ILE A 144 25.16 -35.47 -17.39
C ILE A 144 24.31 -35.30 -18.64
N ASN A 145 24.40 -36.28 -19.54
CA ASN A 145 23.68 -36.24 -20.81
C ASN A 145 23.03 -37.60 -21.13
N VAL A 146 21.81 -37.58 -21.64
CA VAL A 146 21.09 -38.80 -22.04
C VAL A 146 20.69 -38.70 -23.50
N LYS A 147 21.04 -39.71 -24.29
CA LYS A 147 20.70 -39.72 -25.70
C LYS A 147 19.75 -40.87 -25.96
N TRP A 148 18.60 -40.56 -26.57
CA TRP A 148 17.62 -41.57 -26.90
C TRP A 148 17.76 -41.99 -28.35
N LYS A 149 17.86 -43.30 -28.56
CA LYS A 149 17.99 -43.87 -29.90
C LYS A 149 16.93 -44.94 -30.14
N ILE A 150 16.12 -44.74 -31.18
CA ILE A 150 15.08 -45.68 -31.57
C ILE A 150 15.61 -46.41 -32.80
N ASP A 151 15.84 -47.71 -32.66
CA ASP A 151 16.40 -48.53 -33.73
C ASP A 151 17.70 -47.92 -34.25
N GLY A 152 18.55 -47.50 -33.31
CA GLY A 152 19.83 -46.94 -33.65
C GLY A 152 19.91 -45.47 -33.98
N SER A 153 18.79 -44.83 -34.29
CA SER A 153 18.80 -43.42 -34.64
C SER A 153 18.31 -42.55 -33.47
N GLU A 154 19.02 -41.46 -33.21
CA GLU A 154 18.65 -40.57 -32.13
C GLU A 154 17.23 -40.03 -32.27
N ARG A 155 16.65 -39.66 -31.12
CA ARG A 155 15.31 -39.10 -31.05
C ARG A 155 15.46 -37.89 -30.12
N GLN A 156 15.15 -36.70 -30.62
CA GLN A 156 15.27 -35.50 -29.78
C GLN A 156 13.94 -35.00 -29.19
N ASN A 157 12.84 -35.27 -29.89
CA ASN A 157 11.52 -34.81 -29.41
C ASN A 157 10.77 -35.71 -28.45
N GLY A 158 10.05 -35.08 -27.54
CA GLY A 158 9.29 -35.80 -26.55
C GLY A 158 10.11 -36.20 -25.33
N VAL A 159 11.07 -35.36 -24.92
CA VAL A 159 11.92 -35.67 -23.76
C VAL A 159 11.78 -34.74 -22.54
N LEU A 160 11.67 -35.36 -21.37
CA LEU A 160 11.56 -34.66 -20.09
C LEU A 160 12.65 -35.20 -19.17
N ASN A 161 13.58 -34.33 -18.76
CA ASN A 161 14.68 -34.70 -17.88
C ASN A 161 14.55 -33.92 -16.58
N SER A 162 14.59 -34.64 -15.44
CA SER A 162 14.48 -33.99 -14.14
C SER A 162 15.59 -34.46 -13.20
N TRP A 163 16.36 -33.52 -12.68
CA TRP A 163 17.47 -33.79 -11.76
C TRP A 163 16.93 -33.61 -10.35
N THR A 164 17.45 -34.36 -9.39
CA THR A 164 17.04 -34.20 -7.99
C THR A 164 17.95 -33.16 -7.35
N ASP A 165 17.58 -32.70 -6.15
CA ASP A 165 18.42 -31.77 -5.40
C ASP A 165 19.60 -32.63 -4.88
N GLN A 166 20.72 -32.02 -4.54
CA GLN A 166 21.87 -32.76 -4.04
C GLN A 166 21.47 -33.54 -2.79
N ASP A 167 21.78 -34.82 -2.76
CA ASP A 167 21.43 -35.69 -1.63
C ASP A 167 22.02 -35.22 -0.31
N SER A 168 21.15 -34.99 0.67
CA SER A 168 21.58 -34.51 1.98
C SER A 168 22.57 -35.39 2.72
N LYS A 169 22.68 -36.65 2.30
CA LYS A 169 23.59 -37.57 2.96
C LYS A 169 24.84 -37.91 2.13
N ASP A 170 24.68 -38.53 0.98
CA ASP A 170 25.83 -38.88 0.16
C ASP A 170 26.28 -37.83 -0.84
N SER A 171 25.50 -36.76 -0.95
CA SER A 171 25.82 -35.66 -1.85
C SER A 171 25.88 -35.96 -3.36
N THR A 172 25.22 -37.03 -3.81
CA THR A 172 25.19 -37.37 -5.24
C THR A 172 23.91 -36.78 -5.86
N TYR A 173 23.77 -36.94 -7.17
CA TYR A 173 22.61 -36.47 -7.92
C TYR A 173 22.02 -37.65 -8.69
N SER A 174 20.73 -37.56 -9.03
CA SER A 174 20.05 -38.58 -9.81
C SER A 174 19.26 -37.82 -10.87
N MET A 175 18.96 -38.48 -11.97
CA MET A 175 18.21 -37.84 -13.04
C MET A 175 17.27 -38.85 -13.71
N SER A 176 16.07 -38.39 -14.02
CA SER A 176 15.05 -39.22 -14.66
C SER A 176 14.83 -38.65 -16.04
N SER A 177 14.84 -39.51 -17.05
CA SER A 177 14.65 -39.12 -18.44
C SER A 177 13.51 -39.95 -19.04
N THR A 178 12.46 -39.27 -19.51
CA THR A 178 11.32 -39.94 -20.13
C THR A 178 11.16 -39.52 -21.61
N LEU A 179 11.05 -40.51 -22.49
CA LEU A 179 10.83 -40.27 -23.92
C LEU A 179 9.39 -40.70 -24.22
N THR A 180 8.52 -39.74 -24.51
CA THR A 180 7.13 -40.08 -24.80
C THR A 180 6.83 -40.05 -26.30
N LEU A 181 6.22 -41.14 -26.78
CA LEU A 181 5.82 -41.28 -28.18
C LEU A 181 4.36 -41.76 -28.14
N THR A 182 3.74 -41.95 -29.29
CA THR A 182 2.38 -42.48 -29.30
C THR A 182 2.56 -43.98 -29.39
N LYS A 183 1.54 -44.74 -28.99
CA LYS A 183 1.64 -46.19 -29.08
C LYS A 183 1.88 -46.60 -30.55
N ASP A 184 1.26 -45.89 -31.49
CA ASP A 184 1.42 -46.18 -32.91
C ASP A 184 2.88 -46.12 -33.31
N GLU A 185 3.52 -44.99 -33.04
CA GLU A 185 4.93 -44.84 -33.37
C GLU A 185 5.81 -45.88 -32.67
N TYR A 186 5.55 -46.09 -31.38
CA TYR A 186 6.29 -47.05 -30.58
C TYR A 186 6.30 -48.45 -31.20
N GLU A 187 5.12 -48.91 -31.59
CA GLU A 187 5.02 -50.23 -32.19
C GLU A 187 5.62 -50.31 -33.59
N ARG A 188 6.17 -49.20 -34.08
CA ARG A 188 6.82 -49.17 -35.39
C ARG A 188 8.31 -49.51 -35.28
N HIS A 189 8.77 -49.79 -34.06
CA HIS A 189 10.19 -50.12 -33.87
C HIS A 189 10.39 -51.15 -32.80
N ASN A 190 11.59 -51.73 -32.76
CA ASN A 190 11.95 -52.78 -31.79
C ASN A 190 12.88 -52.34 -30.68
N SER A 191 14.11 -51.99 -31.03
CA SER A 191 15.09 -51.59 -30.02
C SER A 191 14.99 -50.16 -29.52
N TYR A 192 14.93 -50.02 -28.20
CA TYR A 192 14.85 -48.72 -27.53
C TYR A 192 16.06 -48.63 -26.61
N THR A 193 16.86 -47.58 -26.81
CA THR A 193 18.09 -47.37 -26.07
C THR A 193 18.34 -45.95 -25.56
N CYS A 194 18.91 -45.85 -24.36
CA CYS A 194 19.28 -44.56 -23.77
C CYS A 194 20.77 -44.69 -23.44
N GLU A 195 21.54 -43.67 -23.83
CA GLU A 195 22.96 -43.67 -23.58
C GLU A 195 23.22 -42.55 -22.61
N ALA A 196 23.86 -42.87 -21.50
CA ALA A 196 24.19 -41.88 -20.48
C ALA A 196 25.65 -41.49 -20.64
N THR A 197 25.89 -40.21 -20.88
CA THR A 197 27.25 -39.72 -21.02
C THR A 197 27.55 -38.86 -19.80
N HIS A 198 28.67 -39.20 -19.14
CA HIS A 198 29.09 -38.55 -17.92
C HIS A 198 30.61 -38.47 -17.86
N LYS A 199 31.10 -37.58 -17.00
CA LYS A 199 32.52 -37.34 -16.77
C LYS A 199 33.32 -38.59 -16.44
N THR A 200 32.70 -39.49 -15.69
CA THR A 200 33.33 -40.72 -15.25
C THR A 200 33.70 -41.75 -16.31
N SER A 201 33.62 -41.38 -17.58
CA SER A 201 33.97 -42.31 -18.65
C SER A 201 33.95 -41.69 -20.03
N THR A 202 34.62 -42.35 -20.96
CA THR A 202 34.65 -41.90 -22.35
C THR A 202 33.51 -42.59 -23.11
N SER A 203 33.24 -43.84 -22.74
CA SER A 203 32.18 -44.60 -23.38
C SER A 203 30.89 -44.48 -22.56
N PRO A 204 29.78 -44.09 -23.20
CA PRO A 204 28.51 -43.92 -22.48
C PRO A 204 27.97 -45.23 -21.92
N ILE A 205 27.28 -45.12 -20.79
CA ILE A 205 26.66 -46.27 -20.17
C ILE A 205 25.41 -46.42 -21.01
N VAL A 206 25.25 -47.57 -21.65
CA VAL A 206 24.12 -47.82 -22.52
C VAL A 206 23.18 -48.91 -22.05
N LYS A 207 21.88 -48.62 -22.06
CA LYS A 207 20.86 -49.58 -21.66
C LYS A 207 19.83 -49.61 -22.78
N SER A 208 19.20 -50.77 -22.97
CA SER A 208 18.20 -50.91 -24.00
C SER A 208 17.40 -52.19 -23.86
N PHE A 209 16.29 -52.26 -24.60
CA PHE A 209 15.44 -53.42 -24.61
C PHE A 209 14.83 -53.50 -26.00
N ASN A 210 14.44 -54.69 -26.42
CA ASN A 210 13.83 -54.88 -27.74
C ASN A 210 12.34 -55.08 -27.51
N ARG A 211 11.53 -54.35 -28.27
CA ARG A 211 10.08 -54.41 -28.13
C ARG A 211 9.55 -55.81 -28.47
N ASN A 212 10.02 -56.64 -29.09
CA ASN A 212 9.55 -58.01 -29.27
C ASN A 212 10.38 -59.01 -28.49
N GLU A 213 10.33 -59.00 -27.34
CA GLU A 213 11.09 -59.90 -26.45
C GLU A 213 10.15 -60.63 -25.50
N CYS A 214 8.56 -60.15 -25.72
CA CYS A 214 7.42 -60.49 -24.86
C CYS A 214 6.06 -60.55 -25.61
N SER B 1 19.46 -26.76 8.29
CA SER B 1 18.04 -26.11 8.37
C SER B 1 16.93 -26.59 9.51
N ASP B 2 15.73 -25.85 10.06
CA ASP B 2 14.54 -26.22 11.08
C ASP B 2 13.41 -25.15 11.75
N VAL B 3 12.13 -25.51 12.42
CA VAL B 3 11.00 -24.73 13.24
C VAL B 3 9.61 -25.41 13.75
N GLN B 4 8.48 -24.61 14.05
CA GLN B 4 7.07 -24.96 14.53
C GLN B 4 5.98 -23.98 13.99
N LEU B 5 4.63 -24.29 14.01
CA LEU B 5 3.46 -23.51 13.50
C LEU B 5 2.91 -24.29 12.33
N GLN B 6 1.57 -24.29 12.06
CA GLN B 6 1.08 -25.06 10.94
C GLN B 6 0.06 -24.29 10.16
N GLU B 7 0.19 -24.29 8.80
CA GLU B 7 -0.77 -23.63 7.98
C GLU B 7 -1.68 -24.65 7.35
N SER B 8 -2.92 -24.21 7.03
CA SER B 8 -3.90 -25.09 6.45
C SER B 8 -4.72 -24.24 5.50
N GLY B 9 -5.25 -24.86 4.42
CA GLY B 9 -6.04 -24.10 3.49
C GLY B 9 -6.15 -24.90 2.22
N PRO B 10 -6.93 -24.40 1.29
CA PRO B 10 -7.09 -25.11 0.05
C PRO B 10 -5.86 -25.02 -0.80
N ASP B 11 -5.52 -26.13 -1.48
CA ASP B 11 -4.42 -26.18 -2.40
C ASP B 11 -4.74 -25.44 -3.67
N LEU B 12 -6.00 -25.55 -4.16
CA LEU B 12 -6.38 -24.92 -5.40
C LEU B 12 -7.39 -23.83 -5.18
N VAL B 13 -7.23 -22.74 -5.95
CA VAL B 13 -8.19 -21.67 -5.95
C VAL B 13 -8.36 -21.17 -7.37
N LYS B 14 -9.61 -20.84 -7.74
CA LYS B 14 -9.91 -20.30 -9.05
C LYS B 14 -9.52 -18.85 -9.01
N PRO B 15 -9.19 -18.30 -10.14
CA PRO B 15 -8.66 -16.97 -10.23
C PRO B 15 -9.32 -15.88 -9.44
N SER B 16 -10.51 -15.40 -9.83
CA SER B 16 -11.08 -14.24 -9.21
C SER B 16 -11.50 -14.52 -7.80
N GLN B 17 -11.33 -15.77 -7.33
CA GLN B 17 -11.78 -16.16 -6.03
C GLN B 17 -10.87 -15.61 -4.97
N SER B 18 -11.23 -15.85 -3.69
CA SER B 18 -10.44 -15.38 -2.59
C SER B 18 -9.74 -16.55 -1.97
N LEU B 19 -8.51 -16.32 -1.50
CA LEU B 19 -7.69 -17.32 -0.88
C LEU B 19 -7.81 -17.15 0.60
N SER B 20 -8.04 -18.25 1.34
CA SER B 20 -8.13 -18.14 2.77
C SER B 20 -7.26 -19.22 3.37
N LEU B 21 -6.32 -18.82 4.24
CA LEU B 21 -5.42 -19.76 4.87
C LEU B 21 -5.48 -19.55 6.35
N THR B 22 -5.19 -20.61 7.13
CA THR B 22 -5.21 -20.52 8.57
C THR B 22 -3.88 -20.99 9.10
N CYS B 23 -3.38 -20.34 10.17
CA CYS B 23 -2.15 -20.77 10.78
C CYS B 23 -2.47 -21.09 12.20
N THR B 24 -2.18 -22.35 12.62
CA THR B 24 -2.48 -22.78 13.95
C THR B 24 -1.21 -22.84 14.71
N VAL B 25 -1.17 -22.18 15.89
CA VAL B 25 0.06 -22.15 16.63
C VAL B 25 -0.09 -22.99 17.86
N THR B 26 1.02 -23.66 18.23
CA THR B 26 1.10 -24.51 19.37
C THR B 26 2.34 -24.14 20.12
N GLY B 27 2.33 -24.29 21.45
CA GLY B 27 3.50 -24.02 22.24
C GLY B 27 3.62 -22.56 22.51
N TYR B 28 2.62 -21.75 22.12
CA TYR B 28 2.73 -20.34 22.37
C TYR B 28 1.35 -19.74 22.26
N SER B 29 1.12 -18.53 22.83
CA SER B 29 -0.17 -17.91 22.75
C SER B 29 -0.06 -16.70 21.85
N ILE B 30 -1.07 -16.53 20.98
CA ILE B 30 -1.11 -15.48 19.97
C ILE B 30 -1.17 -14.15 20.65
N THR B 31 -1.85 -14.09 21.80
CA THR B 31 -1.84 -12.87 22.52
C THR B 31 -0.57 -12.90 23.32
N SER B 32 -0.34 -11.86 24.10
CA SER B 32 0.77 -11.74 25.00
C SER B 32 2.08 -11.47 24.34
N GLY B 33 2.21 -11.56 23.00
CA GLY B 33 3.52 -11.21 22.53
C GLY B 33 3.69 -11.59 21.09
N TYR B 34 4.68 -10.96 20.44
CA TYR B 34 5.05 -11.31 19.10
C TYR B 34 4.00 -10.98 18.10
N THR B 35 4.46 -10.66 16.89
CA THR B 35 3.62 -10.38 15.77
C THR B 35 3.69 -11.58 14.87
N TRP B 36 2.55 -11.93 14.26
CA TRP B 36 2.49 -13.12 13.45
C TRP B 36 2.35 -12.65 12.03
N HIS B 37 3.25 -13.13 11.15
CA HIS B 37 3.36 -12.62 9.81
C HIS B 37 3.01 -13.68 8.81
N TRP B 38 2.79 -13.23 7.55
CA TRP B 38 2.56 -14.10 6.43
C TRP B 38 3.56 -13.73 5.38
N ILE B 39 4.21 -14.76 4.78
CA ILE B 39 5.22 -14.58 3.79
C ILE B 39 4.97 -15.59 2.71
N ARG B 40 5.27 -15.26 1.44
CA ARG B 40 5.04 -16.26 0.42
C ARG B 40 6.27 -16.40 -0.45
N GLN B 41 6.42 -17.60 -1.07
CA GLN B 41 7.53 -17.83 -1.96
C GLN B 41 7.01 -18.34 -3.27
N PHE B 42 7.36 -17.62 -4.34
CA PHE B 42 7.00 -18.03 -5.66
C PHE B 42 7.84 -19.22 -5.93
N PRO B 43 7.40 -20.07 -6.81
CA PRO B 43 8.13 -21.25 -7.16
C PRO B 43 9.54 -20.98 -7.58
N GLY B 44 9.88 -19.78 -8.12
CA GLY B 44 11.24 -19.58 -8.52
C GLY B 44 12.11 -19.64 -7.32
N ASN B 45 11.81 -18.82 -6.28
CA ASN B 45 12.65 -18.89 -5.12
C ASN B 45 12.42 -17.75 -4.16
N LYS B 46 12.16 -16.52 -4.65
CA LYS B 46 12.18 -15.39 -3.75
C LYS B 46 11.14 -15.45 -2.68
N GLN B 47 11.44 -14.77 -1.54
CA GLN B 47 10.53 -14.62 -0.44
C GLN B 47 9.96 -13.24 -0.51
N GLU B 48 8.65 -13.09 -0.20
CA GLU B 48 7.98 -11.81 -0.21
C GLU B 48 7.19 -11.70 1.07
N TRP B 49 7.31 -10.54 1.78
CA TRP B 49 6.61 -10.38 3.04
C TRP B 49 5.27 -9.75 2.78
N MET B 50 4.17 -10.47 3.11
CA MET B 50 2.81 -10.03 2.95
C MET B 50 2.29 -9.05 3.98
N GLY B 51 2.53 -9.28 5.29
CA GLY B 51 1.97 -8.41 6.30
C GLY B 51 1.92 -9.13 7.61
N TYR B 52 1.49 -8.44 8.71
CA TYR B 52 1.44 -9.10 10.00
C TYR B 52 0.31 -8.60 10.86
N ILE B 53 0.05 -9.33 11.97
CA ILE B 53 -0.93 -8.99 12.97
C ILE B 53 -0.24 -9.09 14.32
N HIS B 54 -0.37 -8.04 15.15
CA HIS B 54 0.25 -7.94 16.44
C HIS B 54 -0.54 -8.67 17.48
N PHE B 55 0.09 -8.83 18.67
CA PHE B 55 -0.54 -9.48 19.79
C PHE B 55 -1.73 -8.67 20.17
N SER B 56 -1.62 -7.32 20.06
CA SER B 56 -2.68 -6.41 20.37
C SER B 56 -3.74 -6.45 19.31
N GLY B 57 -3.45 -7.05 18.14
CA GLY B 57 -4.47 -7.14 17.14
C GLY B 57 -4.29 -6.12 16.03
N TYR B 58 -3.24 -5.28 16.10
CA TYR B 58 -2.99 -4.29 15.08
C TYR B 58 -2.34 -4.95 13.91
N THR B 59 -2.64 -4.48 12.67
CA THR B 59 -2.08 -5.10 11.49
C THR B 59 -1.37 -4.11 10.61
N ASN B 60 -0.36 -4.60 9.84
CA ASN B 60 0.37 -3.83 8.87
C ASN B 60 0.52 -4.67 7.63
N TYR B 61 0.37 -4.07 6.44
CA TYR B 61 0.44 -4.87 5.25
C TYR B 61 1.43 -4.26 4.28
N ASN B 62 1.95 -5.12 3.38
CA ASN B 62 2.85 -4.71 2.33
C ASN B 62 2.04 -3.83 1.43
N PRO B 63 2.61 -2.74 0.97
CA PRO B 63 1.85 -1.84 0.15
C PRO B 63 1.41 -2.42 -1.15
N SER B 64 2.17 -3.38 -1.72
CA SER B 64 1.75 -3.91 -2.99
C SER B 64 0.43 -4.59 -2.84
N LEU B 65 0.33 -5.47 -1.83
CA LEU B 65 -0.80 -6.32 -1.48
C LEU B 65 -1.93 -5.63 -0.76
N LYS B 66 -1.70 -4.46 -0.12
CA LYS B 66 -2.61 -3.86 0.84
C LYS B 66 -4.04 -3.88 0.40
N SER B 67 -4.34 -3.53 -0.86
CA SER B 67 -5.70 -3.42 -1.25
C SER B 67 -6.44 -4.72 -1.18
N ARG B 68 -5.77 -5.88 -1.33
CA ARG B 68 -6.58 -7.08 -1.34
C ARG B 68 -6.14 -8.06 -0.30
N VAL B 69 -5.59 -7.60 0.83
CA VAL B 69 -5.17 -8.55 1.83
C VAL B 69 -5.81 -8.19 3.13
N SER B 70 -6.16 -9.21 3.94
CA SER B 70 -6.72 -8.95 5.24
C SER B 70 -6.22 -10.04 6.15
N ILE B 71 -5.71 -9.66 7.34
CA ILE B 71 -5.22 -10.65 8.26
C ILE B 71 -6.02 -10.51 9.52
N THR B 72 -6.51 -11.65 10.05
CA THR B 72 -7.34 -11.64 11.24
C THR B 72 -6.88 -12.70 12.17
N ARG B 73 -7.53 -12.79 13.36
CA ARG B 73 -7.08 -13.71 14.36
C ARG B 73 -8.24 -14.25 15.14
N ASP B 74 -8.08 -15.46 15.71
CA ASP B 74 -9.05 -16.11 16.55
C ASP B 74 -8.29 -16.60 17.74
N THR B 75 -8.31 -15.82 18.84
CA THR B 75 -7.50 -16.08 20.01
C THR B 75 -7.94 -17.37 20.65
N SER B 76 -9.25 -17.66 20.64
CA SER B 76 -9.74 -18.83 21.32
C SER B 76 -9.09 -20.04 20.73
N LYS B 77 -9.07 -20.10 19.40
CA LYS B 77 -8.50 -21.17 18.62
C LYS B 77 -7.00 -21.10 18.58
N ASN B 78 -6.41 -19.93 18.87
CA ASN B 78 -4.99 -19.74 18.72
C ASN B 78 -4.61 -19.87 17.28
N GLN B 79 -5.38 -19.21 16.39
CA GLN B 79 -5.09 -19.27 14.99
C GLN B 79 -5.18 -17.88 14.43
N PHE B 80 -4.39 -17.61 13.36
CA PHE B 80 -4.52 -16.36 12.68
C PHE B 80 -4.75 -16.67 11.23
N PHE B 81 -5.46 -15.77 10.51
CA PHE B 81 -5.89 -16.11 9.19
C PHE B 81 -5.42 -15.09 8.18
N LEU B 82 -5.35 -15.52 6.91
CA LEU B 82 -4.97 -14.69 5.81
C LEU B 82 -6.07 -14.77 4.79
N HIS B 83 -6.49 -13.61 4.24
CA HIS B 83 -7.49 -13.59 3.21
C HIS B 83 -6.96 -12.72 2.11
N LEU B 84 -6.88 -13.28 0.88
CA LEU B 84 -6.37 -12.55 -0.23
C LEU B 84 -7.42 -12.61 -1.29
N ASN B 85 -7.95 -11.45 -1.71
CA ASN B 85 -8.99 -11.48 -2.70
C ASN B 85 -8.46 -11.21 -4.07
N SER B 86 -9.32 -11.45 -5.10
CA SER B 86 -8.99 -11.22 -6.48
C SER B 86 -7.69 -11.88 -6.82
N VAL B 87 -7.60 -13.20 -6.60
CA VAL B 87 -6.39 -13.94 -6.81
C VAL B 87 -6.10 -13.99 -8.29
N THR B 88 -4.81 -14.06 -8.65
CA THR B 88 -4.39 -14.16 -10.01
C THR B 88 -3.40 -15.28 -10.06
N THR B 89 -2.94 -15.64 -11.28
CA THR B 89 -2.03 -16.73 -11.45
C THR B 89 -0.75 -16.42 -10.75
N GLU B 90 -0.38 -15.12 -10.68
CA GLU B 90 0.84 -14.67 -10.07
C GLU B 90 0.86 -15.02 -8.61
N ASP B 91 -0.33 -15.18 -8.01
CA ASP B 91 -0.52 -15.48 -6.61
C ASP B 91 -0.10 -16.89 -6.27
N THR B 92 0.14 -17.74 -7.27
CA THR B 92 0.55 -19.09 -6.97
C THR B 92 1.85 -19.06 -6.23
N ALA B 93 1.91 -19.74 -5.07
CA ALA B 93 3.12 -19.74 -4.30
C ALA B 93 2.90 -20.55 -3.05
N THR B 94 3.97 -20.72 -2.25
CA THR B 94 3.86 -21.42 -1.01
C THR B 94 3.72 -20.35 0.02
N TYR B 95 2.71 -20.48 0.90
CA TYR B 95 2.45 -19.44 1.86
C TYR B 95 2.89 -19.92 3.21
N TYR B 96 3.62 -19.05 3.95
CA TYR B 96 4.12 -19.40 5.24
C TYR B 96 3.63 -18.41 6.24
N CYS B 97 3.42 -18.88 7.48
CA CYS B 97 3.09 -18.01 8.58
C CYS B 97 4.30 -18.05 9.46
N ALA B 98 4.65 -16.92 10.12
CA ALA B 98 5.83 -16.91 10.95
C ALA B 98 5.63 -15.96 12.09
N ARG B 99 6.33 -16.22 13.22
CA ARG B 99 6.26 -15.41 14.40
C ARG B 99 7.35 -14.39 14.32
N GLY B 100 7.18 -13.21 14.95
CA GLY B 100 8.26 -12.27 14.87
C GLY B 100 8.64 -11.92 16.27
N ASP B 101 9.89 -12.27 16.67
CA ASP B 101 10.35 -11.88 17.96
C ASP B 101 10.30 -10.41 17.86
N TYR B 102 9.48 -9.72 18.66
CA TYR B 102 9.33 -8.39 18.22
C TYR B 102 10.10 -7.44 19.01
N GLY B 103 9.79 -6.18 18.72
CA GLY B 103 10.63 -5.15 19.22
C GLY B 103 11.75 -5.09 18.24
N TYR B 104 12.96 -5.45 18.69
CA TYR B 104 14.10 -5.29 17.83
C TYR B 104 14.12 -6.20 16.61
N GLU B 105 13.84 -7.51 16.74
CA GLU B 105 14.14 -8.36 15.60
C GLU B 105 12.94 -8.95 14.91
N TRP B 106 13.18 -9.99 14.08
CA TRP B 106 12.15 -10.58 13.29
C TRP B 106 11.74 -12.02 13.46
N PHE B 107 11.67 -12.80 12.35
CA PHE B 107 10.88 -14.02 12.37
C PHE B 107 11.58 -15.20 13.00
N THR B 108 11.26 -15.48 14.29
CA THR B 108 11.79 -16.57 15.07
C THR B 108 11.26 -17.94 14.73
N TYR B 109 9.94 -18.08 14.47
CA TYR B 109 9.39 -19.39 14.19
C TYR B 109 8.62 -19.35 12.91
N TRP B 110 8.75 -20.42 11.98
CA TRP B 110 8.08 -20.48 10.71
C TRP B 110 7.27 -21.74 10.61
N GLY B 111 6.22 -21.73 9.75
CA GLY B 111 5.40 -22.88 9.54
C GLY B 111 6.01 -23.68 8.42
N GLN B 112 5.38 -24.83 8.10
CA GLN B 112 5.81 -25.75 7.07
C GLN B 112 5.61 -25.13 5.74
N GLY B 113 4.50 -24.37 5.58
CA GLY B 113 4.19 -23.75 4.33
C GLY B 113 3.16 -24.60 3.63
N THR B 114 2.26 -23.94 2.88
CA THR B 114 1.26 -24.64 2.12
C THR B 114 1.32 -24.10 0.72
N LEU B 115 1.27 -25.00 -0.28
CA LEU B 115 1.37 -24.56 -1.64
C LEU B 115 -0.02 -24.25 -2.11
N VAL B 116 -0.21 -23.08 -2.74
CA VAL B 116 -1.50 -22.73 -3.25
C VAL B 116 -1.32 -22.42 -4.70
N THR B 117 -2.11 -23.08 -5.57
CA THR B 117 -2.00 -22.83 -6.98
C THR B 117 -3.28 -22.21 -7.42
N VAL B 118 -3.17 -21.18 -8.29
CA VAL B 118 -4.34 -20.53 -8.77
C VAL B 118 -4.50 -20.94 -10.20
N SER B 119 -5.57 -21.70 -10.49
CA SER B 119 -5.78 -22.14 -11.83
C SER B 119 -7.24 -22.33 -12.02
N ALA B 120 -7.71 -22.25 -13.29
CA ALA B 120 -9.09 -22.45 -13.57
C ALA B 120 -9.35 -23.94 -13.54
N ALA B 121 -6.15 -22.91 -15.80
CA ALA B 121 -6.12 -24.31 -16.22
C ALA B 121 -6.93 -25.22 -15.32
N LYS B 122 -7.56 -26.22 -15.93
CA LYS B 122 -8.40 -27.17 -15.22
C LYS B 122 -7.63 -28.18 -14.35
N THR B 123 -8.13 -28.45 -13.15
CA THR B 123 -7.49 -29.43 -12.28
C THR B 123 -7.55 -30.78 -12.99
N THR B 124 -6.41 -31.44 -13.11
CA THR B 124 -6.31 -32.75 -13.76
C THR B 124 -5.53 -33.76 -12.92
N PRO B 125 -6.16 -34.91 -12.61
CA PRO B 125 -5.51 -35.94 -11.82
C PRO B 125 -4.45 -36.64 -12.66
N PRO B 126 -3.39 -37.16 -12.02
CA PRO B 126 -2.32 -37.84 -12.73
C PRO B 126 -2.67 -39.25 -13.17
N SER B 127 -1.93 -39.73 -14.15
CA SER B 127 -2.06 -41.09 -14.66
C SER B 127 -0.80 -41.70 -14.08
N VAL B 128 -0.93 -42.74 -13.27
CA VAL B 128 0.21 -43.37 -12.64
C VAL B 128 0.58 -44.69 -13.30
N TYR B 129 1.79 -44.75 -13.83
CA TYR B 129 2.26 -45.95 -14.50
C TYR B 129 3.43 -46.57 -13.77
N PRO B 130 3.39 -47.90 -13.57
CA PRO B 130 4.44 -48.67 -12.89
C PRO B 130 5.66 -48.86 -13.79
N LEU B 131 6.84 -48.66 -13.24
CA LEU B 131 8.07 -48.82 -14.00
C LEU B 131 8.79 -50.07 -13.50
N ALA B 132 8.65 -51.15 -14.26
CA ALA B 132 9.28 -52.42 -13.93
C ALA B 132 10.25 -52.81 -15.04
N PRO B 133 11.36 -53.47 -14.66
CA PRO B 133 12.40 -53.90 -15.61
C PRO B 133 11.84 -54.68 -16.80
N GLY B 134 12.74 -53.79 -17.76
CA GLY B 134 12.56 -54.22 -19.13
C GLY B 134 13.93 -54.57 -19.64
N CYS B 135 14.19 -55.88 -19.75
CA CYS B 135 15.47 -56.40 -20.21
C CYS B 135 15.36 -57.93 -20.30
N GLY B 136 16.45 -58.59 -20.68
CA GLY B 136 16.43 -60.03 -20.78
C GLY B 136 17.29 -60.73 -19.75
N ASP B 137 17.55 -60.04 -18.64
CA ASP B 137 18.38 -60.60 -17.58
C ASP B 137 17.72 -60.44 -16.24
N THR B 138 17.94 -61.41 -15.36
CA THR B 138 17.40 -61.34 -14.01
C THR B 138 18.34 -60.41 -13.24
N THR B 139 17.79 -59.66 -12.31
CA THR B 139 18.57 -58.72 -11.52
C THR B 139 19.66 -59.34 -10.67
N GLY B 140 20.65 -58.53 -10.33
CA GLY B 140 21.77 -58.99 -9.52
C GLY B 140 21.44 -58.92 -8.03
N SER B 141 22.11 -58.12 -7.28
CA SER B 141 21.93 -58.00 -5.84
C SER B 141 20.67 -57.23 -5.47
N SER B 142 20.45 -56.09 -6.13
CA SER B 142 19.27 -55.27 -5.87
C SER B 142 18.57 -54.89 -7.17
N VAL B 143 17.37 -54.36 -7.06
CA VAL B 143 16.62 -53.97 -8.23
C VAL B 143 15.99 -52.59 -8.05
N THR B 144 15.93 -51.85 -9.15
CA THR B 144 15.34 -50.52 -9.17
C THR B 144 14.02 -50.58 -9.93
N LEU B 145 12.99 -50.02 -9.30
CA LEU B 145 11.65 -49.97 -9.85
C LEU B 145 11.27 -48.50 -9.76
N GLY B 146 10.14 -48.14 -10.34
CA GLY B 146 9.71 -46.76 -10.28
C GLY B 146 8.25 -46.60 -10.61
N CYS B 147 7.82 -45.34 -10.66
CA CYS B 147 6.47 -44.98 -10.98
C CYS B 147 6.43 -43.60 -11.62
N LEU B 148 5.88 -43.55 -12.82
CA LEU B 148 5.74 -42.33 -13.58
C LEU B 148 4.36 -41.78 -13.24
N VAL B 149 4.31 -40.50 -12.89
CA VAL B 149 3.08 -39.81 -12.50
C VAL B 149 2.96 -38.71 -13.57
N LYS B 150 2.09 -38.96 -14.55
CA LYS B 150 1.97 -38.08 -15.69
C LYS B 150 0.69 -37.33 -16.00
N GLY B 151 0.86 -36.12 -16.56
CA GLY B 151 -0.22 -35.26 -16.98
C GLY B 151 -1.22 -34.76 -15.96
N TYR B 152 -0.74 -34.25 -14.84
CA TYR B 152 -1.65 -33.74 -13.81
C TYR B 152 -1.41 -32.25 -13.75
N PHE B 153 -2.33 -31.47 -13.20
CA PHE B 153 -2.02 -30.05 -13.19
C PHE B 153 -1.65 -29.33 -11.93
N PRO B 154 -2.62 -29.06 -11.05
CA PRO B 154 -2.21 -28.33 -9.85
C PRO B 154 -1.03 -29.11 -9.26
N GLU B 155 0.09 -28.43 -9.05
CA GLU B 155 1.28 -29.07 -8.51
C GLU B 155 1.10 -29.68 -7.15
N SER B 156 2.00 -30.61 -6.88
CA SER B 156 2.12 -31.34 -5.66
C SER B 156 1.34 -32.64 -5.57
N VAL B 157 2.10 -33.71 -5.73
CA VAL B 157 1.62 -35.07 -5.60
C VAL B 157 2.61 -35.65 -4.59
N THR B 158 2.26 -36.78 -4.00
CA THR B 158 3.11 -37.44 -3.02
C THR B 158 3.14 -38.91 -3.35
N VAL B 159 4.33 -39.41 -3.68
CA VAL B 159 4.51 -40.82 -3.97
C VAL B 159 5.07 -41.49 -2.74
N THR B 160 4.36 -42.50 -2.25
CA THR B 160 4.75 -43.26 -1.08
C THR B 160 4.98 -44.69 -1.52
N TRP B 161 6.06 -45.29 -1.05
CA TRP B 161 6.38 -46.66 -1.40
C TRP B 161 6.08 -47.64 -0.30
N ASN B 162 5.82 -48.87 -0.71
CA ASN B 162 5.52 -49.96 0.21
C ASN B 162 6.25 -51.14 -0.38
N SER B 163 7.18 -51.71 0.37
CA SER B 163 7.97 -52.84 -0.10
C SER B 163 8.17 -53.86 1.02
N GLY B 164 8.76 -55.00 0.66
CA GLY B 164 9.01 -56.02 1.65
C GLY B 164 10.18 -55.61 2.53
N SER B 165 11.26 -55.19 1.88
CA SER B 165 12.47 -54.77 2.56
C SER B 165 12.23 -53.62 3.53
N LEU B 166 12.87 -53.69 4.70
CA LEU B 166 12.74 -52.61 5.67
C LEU B 166 13.81 -51.57 5.34
N SER B 167 14.61 -51.83 4.29
CA SER B 167 15.63 -50.90 3.85
C SER B 167 15.52 -50.70 2.33
N SER B 168 15.43 -49.45 1.90
CA SER B 168 15.31 -49.14 0.48
C SER B 168 15.92 -47.77 0.20
N SER B 169 16.09 -47.46 -1.08
CA SER B 169 16.65 -46.18 -1.49
C SER B 169 15.61 -45.54 -2.40
N VAL B 170 15.08 -44.38 -2.02
CA VAL B 170 14.05 -43.70 -2.79
C VAL B 170 14.50 -42.35 -3.37
N HIS B 171 14.10 -42.11 -4.62
CA HIS B 171 14.40 -40.87 -5.32
C HIS B 171 13.11 -40.30 -5.91
N THR B 172 12.80 -39.07 -5.52
CA THR B 172 11.62 -38.38 -5.98
C THR B 172 12.12 -37.33 -6.95
N PHE B 173 11.78 -37.48 -8.23
CA PHE B 173 12.20 -36.51 -9.24
C PHE B 173 11.26 -35.31 -9.31
N PRO B 174 11.81 -34.09 -9.25
CA PRO B 174 11.06 -32.83 -9.29
C PRO B 174 10.11 -32.72 -10.50
N ALA B 175 8.88 -32.32 -10.22
CA ALA B 175 7.86 -32.15 -11.24
C ALA B 175 8.24 -31.01 -12.19
N LEU B 176 7.96 -31.21 -13.48
CA LEU B 176 8.24 -30.23 -14.53
C LEU B 176 7.04 -30.10 -15.47
N LEU B 177 6.72 -28.86 -15.80
CA LEU B 177 5.62 -28.52 -16.68
C LEU B 177 6.02 -28.54 -18.16
N GLN B 178 5.20 -29.20 -18.98
CA GLN B 178 5.39 -29.29 -20.44
C GLN B 178 3.97 -29.24 -21.02
N SER B 179 3.73 -28.32 -21.95
CA SER B 179 2.41 -28.17 -22.55
C SER B 179 1.26 -27.98 -21.57
N GLY B 180 1.53 -27.27 -20.48
CA GLY B 180 0.49 -27.01 -19.51
C GLY B 180 0.18 -28.11 -18.50
N LEU B 181 0.92 -29.21 -18.50
CA LEU B 181 0.68 -30.29 -17.54
C LEU B 181 1.97 -30.75 -16.88
N TYR B 182 1.85 -31.23 -15.64
CA TYR B 182 2.99 -31.72 -14.87
C TYR B 182 3.20 -33.21 -15.00
N THR B 183 4.47 -33.61 -14.91
CA THR B 183 4.88 -35.00 -14.96
C THR B 183 6.06 -35.10 -14.00
N MET B 184 6.07 -36.19 -13.23
CA MET B 184 7.11 -36.46 -12.25
C MET B 184 7.29 -37.98 -12.14
N SER B 185 8.36 -38.41 -11.48
CA SER B 185 8.61 -39.84 -11.28
C SER B 185 9.31 -40.08 -9.95
N SER B 186 9.40 -41.34 -9.55
CA SER B 186 10.05 -41.72 -8.30
C SER B 186 10.61 -43.11 -8.49
N SER B 187 11.73 -43.40 -7.86
CA SER B 187 12.32 -44.71 -8.00
C SER B 187 12.68 -45.28 -6.63
N VAL B 188 12.69 -46.61 -6.56
CA VAL B 188 13.06 -47.32 -5.33
C VAL B 188 13.95 -48.48 -5.71
N THR B 189 14.97 -48.68 -4.89
CA THR B 189 15.89 -49.78 -5.08
C THR B 189 15.75 -50.68 -3.85
N VAL B 190 15.54 -51.97 -4.08
CA VAL B 190 15.38 -52.92 -2.99
C VAL B 190 16.20 -54.18 -3.29
N PRO B 191 16.44 -55.03 -2.27
CA PRO B 191 17.21 -56.26 -2.51
C PRO B 191 16.45 -57.10 -3.53
N SER B 192 17.16 -57.67 -4.50
CA SER B 192 16.51 -58.50 -5.52
C SER B 192 15.72 -59.62 -4.84
N SER B 193 16.24 -60.10 -3.72
CA SER B 193 15.61 -61.17 -2.98
C SER B 193 14.30 -60.78 -2.30
N THR B 194 13.86 -59.54 -2.51
CA THR B 194 12.64 -59.10 -1.87
C THR B 194 11.55 -58.55 -2.77
N TRP B 195 11.80 -58.34 -4.06
CA TRP B 195 10.72 -57.80 -4.90
C TRP B 195 9.74 -58.77 -5.53
N PRO B 196 10.16 -59.48 -6.60
CA PRO B 196 9.19 -60.41 -7.20
C PRO B 196 8.62 -61.28 -6.09
N SER B 197 9.45 -61.52 -5.08
CA SER B 197 9.08 -62.32 -3.92
C SER B 197 8.11 -61.59 -3.01
N GLN B 198 8.44 -60.34 -2.67
CA GLN B 198 7.58 -59.54 -1.78
C GLN B 198 7.12 -58.26 -2.49
N THR B 199 5.81 -58.10 -2.55
CA THR B 199 5.14 -56.96 -3.19
C THR B 199 5.63 -55.53 -2.84
N VAL B 200 5.78 -54.72 -3.90
CA VAL B 200 6.20 -53.32 -3.82
C VAL B 200 5.09 -52.53 -4.51
N THR B 201 4.61 -51.49 -3.85
CA THR B 201 3.51 -50.69 -4.35
C THR B 201 3.79 -49.21 -4.15
N CYS B 202 3.43 -48.41 -5.14
CA CYS B 202 3.59 -46.97 -5.00
C CYS B 202 2.18 -46.38 -4.84
N SER B 203 2.05 -45.45 -3.91
CA SER B 203 0.78 -44.82 -3.65
C SER B 203 0.95 -43.36 -4.02
N VAL B 204 0.17 -42.89 -4.98
CA VAL B 204 0.26 -41.51 -5.43
C VAL B 204 -0.97 -40.70 -5.05
N ALA B 205 -0.74 -39.65 -4.26
CA ALA B 205 -1.82 -38.79 -3.80
C ALA B 205 -1.76 -37.41 -4.46
N HIS B 206 -2.91 -36.96 -4.96
CA HIS B 206 -3.03 -35.64 -5.57
C HIS B 206 -4.23 -34.95 -4.91
N PRO B 207 -3.98 -34.30 -3.76
CA PRO B 207 -4.98 -33.58 -2.97
C PRO B 207 -5.90 -32.66 -3.77
N ALA B 208 -5.31 -31.90 -4.70
CA ALA B 208 -6.06 -30.97 -5.54
C ALA B 208 -7.27 -31.58 -6.26
N SER B 209 -7.19 -32.87 -6.58
CA SER B 209 -8.29 -33.54 -7.27
C SER B 209 -8.87 -34.64 -6.40
N SER B 210 -8.49 -34.66 -5.12
CA SER B 210 -8.97 -35.66 -4.18
C SER B 210 -8.75 -37.08 -4.71
N THR B 211 -7.56 -37.34 -5.23
CA THR B 211 -7.24 -38.65 -5.77
C THR B 211 -6.04 -39.27 -5.10
N THR B 212 -5.97 -40.59 -5.14
CA THR B 212 -4.88 -41.39 -4.59
C THR B 212 -4.95 -42.69 -5.37
N VAL B 213 -3.87 -43.05 -6.04
CA VAL B 213 -3.82 -44.27 -6.84
C VAL B 213 -2.62 -45.10 -6.43
N ASP B 214 -2.85 -46.37 -6.14
CA ASP B 214 -1.79 -47.30 -5.75
C ASP B 214 -1.49 -48.18 -6.95
N LYS B 215 -0.21 -48.34 -7.28
CA LYS B 215 0.19 -49.20 -8.38
C LYS B 215 1.17 -50.23 -7.87
N LYS B 216 0.78 -51.50 -7.95
CA LYS B 216 1.65 -52.60 -7.54
C LYS B 216 2.62 -52.83 -8.71
N LEU B 217 3.87 -53.14 -8.38
CA LEU B 217 4.85 -53.36 -9.42
C LEU B 217 4.93 -54.81 -9.86
N GLU B 218 4.69 -55.03 -11.15
CA GLU B 218 4.71 -56.33 -11.83
C GLU B 218 3.36 -57.05 -11.85
N GLY C 1 19.50 40.38 3.01
CA GLY C 1 20.75 39.91 3.72
C GLY C 1 21.80 39.23 2.80
N ALA C 2 23.07 39.22 3.24
CA ALA C 2 24.19 38.60 2.48
C ALA C 2 25.42 38.30 3.39
N ASP C 3 26.32 37.44 2.88
CA ASP C 3 27.61 37.05 3.55
C ASP C 3 28.52 36.06 2.77
N GLY C 4 29.19 35.16 3.51
CA GLY C 4 30.15 34.27 2.86
C GLY C 4 29.71 32.86 2.55
N VAL C 5 30.67 32.02 2.19
CA VAL C 5 30.39 30.61 1.92
C VAL C 5 30.34 29.74 3.19
N GLY C 6 31.31 29.87 4.08
CA GLY C 6 31.26 29.10 5.31
C GLY C 6 30.50 29.88 6.39
N ASN C 7 29.29 30.37 6.06
CA ASN C 7 28.48 31.16 7.03
C ASN C 7 27.01 30.81 6.94
N SER C 8 26.47 30.29 8.02
CA SER C 8 25.06 29.93 8.00
C SER C 8 24.19 31.17 7.73
N SER C 9 23.56 31.31 6.55
CA SER C 9 22.67 32.48 6.26
C SER C 9 21.43 32.71 7.21
N GLY C 10 21.22 31.77 8.14
CA GLY C 10 20.13 31.88 9.10
C GLY C 10 20.16 30.76 10.12
N ASN C 11 19.61 30.98 11.29
CA ASN C 11 19.60 29.89 12.20
C ASN C 11 18.32 29.17 12.09
N TRP C 12 18.17 28.11 12.89
CA TRP C 12 16.95 27.30 12.86
C TRP C 12 15.93 27.65 13.95
N HIS C 13 14.89 28.36 13.56
CA HIS C 13 13.88 28.79 14.52
C HIS C 13 12.67 27.94 14.41
N CYS C 14 12.35 27.24 15.48
CA CYS C 14 11.21 26.39 15.41
C CYS C 14 10.60 26.25 16.76
N ASP C 15 10.20 27.38 17.31
CA ASP C 15 9.58 27.38 18.61
C ASP C 15 8.09 27.57 18.50
N SER C 16 7.46 27.98 19.59
CA SER C 16 6.03 28.24 19.66
C SER C 16 5.77 28.81 21.02
N THR C 17 5.34 30.05 21.11
CA THR C 17 5.14 30.65 22.41
C THR C 17 3.78 31.30 22.54
N TRP C 18 3.24 31.18 23.74
CA TRP C 18 1.93 31.71 24.01
C TRP C 18 2.05 32.94 24.85
N MET C 19 1.29 33.96 24.57
CA MET C 19 1.45 35.17 25.38
C MET C 19 0.22 35.56 26.11
N GLY C 20 -0.75 34.66 26.10
CA GLY C 20 -2.00 34.93 26.77
C GLY C 20 -2.98 35.45 25.77
N ASP C 21 -2.58 36.43 24.97
CA ASP C 21 -3.50 36.94 23.96
C ASP C 21 -3.07 36.57 22.55
N ARG C 22 -1.78 36.47 22.35
CA ARG C 22 -1.27 36.10 21.06
C ARG C 22 -0.64 34.77 21.30
N VAL C 23 0.13 34.32 20.34
CA VAL C 23 0.83 33.06 20.39
C VAL C 23 1.54 33.01 19.07
N ILE C 24 2.83 32.82 19.12
CA ILE C 24 3.57 32.79 17.90
C ILE C 24 4.11 31.45 17.61
N THR C 25 3.77 30.97 16.43
CA THR C 25 4.28 29.71 15.98
C THR C 25 5.29 29.89 14.89
N THR C 26 6.52 29.67 15.32
CA THR C 26 7.66 29.76 14.43
C THR C 26 7.86 28.35 13.93
N SER C 27 8.44 28.21 12.77
CA SER C 27 8.69 26.86 12.29
C SER C 27 9.61 26.84 11.04
N THR C 28 10.63 25.96 11.07
CA THR C 28 11.60 25.82 9.97
C THR C 28 11.70 24.37 9.46
N ARG C 29 11.95 24.18 8.16
CA ARG C 29 12.08 22.84 7.60
C ARG C 29 13.05 22.84 6.47
N THR C 30 13.70 21.71 6.24
CA THR C 30 14.65 21.62 5.15
C THR C 30 13.91 21.22 3.85
N TRP C 31 14.31 21.79 2.71
CA TRP C 31 13.63 21.45 1.44
C TRP C 31 14.60 21.19 0.28
N ALA C 32 14.05 20.75 -0.84
CA ALA C 32 14.83 20.45 -2.04
C ALA C 32 14.10 20.87 -3.31
N LEU C 33 14.83 21.36 -4.30
CA LEU C 33 14.18 21.80 -5.54
C LEU C 33 14.91 21.41 -6.81
N PRO C 34 14.30 20.55 -7.64
CA PRO C 34 14.79 20.01 -8.93
C PRO C 34 14.66 21.03 -10.05
N THR C 35 14.96 20.65 -11.27
CA THR C 35 14.69 21.62 -12.29
C THR C 35 13.56 21.06 -13.16
N TYR C 36 12.42 21.69 -13.01
CA TYR C 36 11.21 21.31 -13.70
C TYR C 36 11.11 21.61 -15.20
N ASN C 37 10.35 20.78 -15.92
CA ASN C 37 10.13 21.00 -17.37
C ASN C 37 11.45 21.31 -18.02
N ASN C 38 12.48 20.66 -17.50
CA ASN C 38 13.81 20.88 -18.00
C ASN C 38 14.09 22.34 -18.37
N HIS C 39 13.56 23.24 -17.55
CA HIS C 39 13.75 24.67 -17.68
C HIS C 39 12.80 25.44 -18.57
N LEU C 40 11.86 24.75 -19.21
CA LEU C 40 10.91 25.45 -20.08
C LEU C 40 9.49 25.43 -19.68
N TYR C 41 8.78 26.44 -20.18
CA TYR C 41 7.35 26.59 -19.96
C TYR C 41 6.73 25.69 -21.02
N LYS C 42 5.74 24.93 -20.61
CA LYS C 42 5.12 24.01 -21.54
C LYS C 42 3.64 24.25 -21.56
N GLN C 43 3.07 24.22 -22.74
CA GLN C 43 1.66 24.43 -22.85
C GLN C 43 1.06 23.08 -22.48
N ILE C 44 -0.10 23.07 -21.81
CA ILE C 44 -0.80 21.83 -21.37
C ILE C 44 -2.33 21.90 -21.49
N SER C 45 -2.94 20.79 -21.91
CA SER C 45 -4.39 20.67 -22.06
C SER C 45 -5.01 19.31 -21.82
N SER C 46 -6.33 19.33 -21.60
CA SER C 46 -7.06 18.13 -21.34
C SER C 46 -6.77 17.17 -22.48
N GLN C 47 -7.20 15.94 -22.29
CA GLN C 47 -6.93 14.95 -23.32
C GLN C 47 -7.99 14.88 -24.39
N SER C 48 -7.87 15.68 -25.44
CA SER C 48 -8.80 15.69 -26.60
C SER C 48 -10.20 15.07 -26.33
N GLY C 49 -10.25 13.74 -26.23
CA GLY C 49 -11.47 12.98 -25.96
C GLY C 49 -12.16 13.28 -24.63
N ALA C 50 -11.44 13.04 -23.54
CA ALA C 50 -11.91 13.31 -22.17
C ALA C 50 -13.27 14.02 -22.03
N SER C 51 -14.13 13.49 -21.15
CA SER C 51 -15.46 14.07 -20.90
C SER C 51 -15.38 15.58 -20.93
N ASN C 52 -16.42 16.24 -21.39
CA ASN C 52 -16.34 17.70 -21.42
C ASN C 52 -16.14 18.32 -20.05
N ASP C 53 -16.86 17.80 -19.05
CA ASP C 53 -16.78 18.30 -17.67
C ASP C 53 -15.33 18.30 -17.18
N ASN C 54 -14.44 17.69 -17.95
CA ASN C 54 -13.02 17.60 -17.60
C ASN C 54 -11.98 18.21 -18.56
N HIS C 55 -12.38 19.13 -19.43
CA HIS C 55 -11.40 19.76 -20.33
C HIS C 55 -10.68 20.88 -19.68
N TYR C 56 -9.60 21.31 -20.29
CA TYR C 56 -8.86 22.41 -19.70
C TYR C 56 -7.74 22.81 -20.61
N PHE C 57 -7.21 23.99 -20.32
CA PHE C 57 -6.10 24.52 -21.06
C PHE C 57 -5.29 25.44 -20.18
N GLY C 58 -3.97 25.25 -20.21
CA GLY C 58 -3.12 26.09 -19.37
C GLY C 58 -1.66 25.76 -19.51
N TYR C 59 -0.82 26.27 -18.62
CA TYR C 59 0.62 26.00 -18.74
C TYR C 59 1.27 25.47 -17.49
N SER C 60 2.46 24.90 -17.63
CA SER C 60 3.19 24.39 -16.46
C SER C 60 4.47 25.20 -16.53
N THR C 61 5.06 25.57 -15.41
CA THR C 61 6.25 26.40 -15.46
C THR C 61 7.48 25.77 -14.83
N PRO C 62 8.69 26.22 -15.21
CA PRO C 62 9.94 25.67 -14.66
C PRO C 62 10.09 26.09 -13.21
N TRP C 63 9.22 26.99 -12.76
CA TRP C 63 9.14 27.52 -11.38
C TRP C 63 8.47 26.66 -10.31
N GLY C 64 9.04 26.64 -9.13
CA GLY C 64 8.41 25.85 -8.10
C GLY C 64 8.02 26.85 -7.06
N TYR C 65 6.95 26.60 -6.33
CA TYR C 65 6.56 27.52 -5.31
C TYR C 65 6.54 26.92 -3.88
N PHE C 66 6.33 27.79 -2.89
CA PHE C 66 6.28 27.42 -1.47
C PHE C 66 4.93 27.57 -0.87
N ASP C 67 4.60 26.69 0.06
CA ASP C 67 3.29 26.84 0.64
C ASP C 67 3.08 26.20 2.00
N PHE C 68 2.38 26.91 2.88
CA PHE C 68 2.10 26.40 4.21
C PHE C 68 0.66 26.69 4.60
N ASN C 69 -0.24 26.49 3.66
CA ASN C 69 -1.63 26.77 3.94
C ASN C 69 -2.30 25.60 4.58
N ARG C 70 -1.63 25.05 5.57
CA ARG C 70 -2.11 23.94 6.34
C ARG C 70 -1.75 24.18 7.80
N PHE C 71 -2.76 24.23 8.64
CA PHE C 71 -2.52 24.50 10.04
C PHE C 71 -1.45 23.75 10.73
N HIS C 72 -1.24 22.51 10.33
CA HIS C 72 -0.21 21.74 10.98
C HIS C 72 1.20 22.09 10.56
N CYS C 73 1.36 23.05 9.67
CA CYS C 73 2.70 23.47 9.27
C CYS C 73 3.19 24.42 10.38
N HIS C 74 2.26 24.78 11.29
CA HIS C 74 2.58 25.68 12.42
C HIS C 74 2.24 25.16 13.82
N PHE C 75 1.16 24.41 13.89
CA PHE C 75 0.80 23.84 15.18
C PHE C 75 1.20 22.41 15.34
N SER C 76 1.56 22.11 16.56
CA SER C 76 1.96 20.78 16.90
C SER C 76 0.88 20.25 17.75
N PRO C 77 0.43 19.05 17.44
CA PRO C 77 -0.62 18.43 18.20
C PRO C 77 -0.80 19.15 19.49
N ARG C 78 0.08 18.88 20.43
CA ARG C 78 0.00 19.51 21.71
C ARG C 78 -0.44 20.96 21.60
N ASP C 79 0.39 21.77 20.97
CA ASP C 79 0.01 23.16 20.82
C ASP C 79 -1.42 23.35 20.38
N TRP C 80 -1.74 22.86 19.21
CA TRP C 80 -3.09 22.95 18.71
C TRP C 80 -4.09 22.73 19.85
N GLN C 81 -3.86 21.65 20.60
CA GLN C 81 -4.70 21.26 21.74
C GLN C 81 -4.85 22.40 22.70
N ARG C 82 -3.73 23.03 23.06
CA ARG C 82 -3.84 24.15 23.98
C ARG C 82 -4.87 25.11 23.48
N LEU C 83 -4.65 25.57 22.26
CA LEU C 83 -5.50 26.54 21.59
C LEU C 83 -6.93 26.13 21.65
N ILE C 84 -7.19 25.09 20.89
CA ILE C 84 -8.48 24.49 20.72
C ILE C 84 -9.27 24.18 22.00
N ASN C 85 -8.58 24.08 23.13
CA ASN C 85 -9.26 23.76 24.39
C ASN C 85 -9.65 24.97 25.24
N ASN C 86 -9.03 26.13 25.06
CA ASN C 86 -9.41 27.24 25.92
C ASN C 86 -9.65 28.53 25.17
N ASN C 87 -10.16 28.46 23.94
CA ASN C 87 -10.40 29.70 23.23
C ASN C 87 -11.64 29.83 22.41
N TRP C 88 -12.49 30.78 22.76
CA TRP C 88 -13.70 31.02 21.98
C TRP C 88 -13.36 31.26 20.46
N GLY C 89 -12.11 31.57 20.14
CA GLY C 89 -11.82 31.80 18.73
C GLY C 89 -10.44 32.35 18.52
N PHE C 90 -10.03 32.50 17.29
CA PHE C 90 -8.69 33.04 17.03
C PHE C 90 -8.55 33.39 15.59
N ARG C 91 -7.51 34.16 15.27
CA ARG C 91 -7.24 34.53 13.91
C ARG C 91 -5.80 34.92 13.74
N PRO C 92 -5.33 34.89 12.52
CA PRO C 92 -3.94 35.23 12.20
C PRO C 92 -3.72 36.72 12.11
N LYS C 93 -2.54 37.19 12.45
CA LYS C 93 -2.33 38.64 12.41
C LYS C 93 -1.21 39.01 11.52
N ARG C 94 -0.07 38.42 11.71
CA ARG C 94 0.96 38.84 10.80
C ARG C 94 1.83 37.65 10.64
N LEU C 95 2.74 37.71 9.68
CA LEU C 95 3.74 36.69 9.42
C LEU C 95 5.11 37.18 8.93
N ASN C 96 6.08 36.27 8.99
CA ASN C 96 7.43 36.59 8.59
C ASN C 96 7.98 35.32 7.99
N PHE C 97 8.64 35.47 6.85
CA PHE C 97 9.21 34.38 6.11
C PHE C 97 10.68 34.59 5.75
N LYS C 98 11.40 33.48 5.64
CA LYS C 98 12.80 33.54 5.29
C LYS C 98 13.36 32.25 4.73
N LEU C 99 14.07 32.36 3.62
CA LEU C 99 14.70 31.20 3.02
C LEU C 99 16.16 31.40 3.31
N PHE C 100 16.94 30.35 3.54
CA PHE C 100 18.35 30.54 3.79
C PHE C 100 19.16 29.25 3.77
N ASN C 101 20.46 29.43 3.73
CA ASN C 101 21.38 28.32 3.71
C ASN C 101 21.19 27.53 2.49
N ILE C 102 20.76 28.27 1.50
CA ILE C 102 20.58 27.75 0.19
C ILE C 102 21.90 27.08 -0.22
N GLN C 103 21.81 25.98 -0.97
CA GLN C 103 22.94 25.23 -1.54
C GLN C 103 22.61 24.54 -2.89
N VAL C 104 23.48 24.76 -3.86
CA VAL C 104 23.22 24.21 -5.18
C VAL C 104 24.20 23.13 -5.51
N LYS C 105 23.66 21.95 -5.75
CA LYS C 105 24.43 20.75 -6.08
C LYS C 105 24.35 20.39 -7.56
N GLU C 106 25.27 19.57 -8.06
CA GLU C 106 25.12 19.18 -9.46
C GLU C 106 25.54 17.76 -9.64
N VAL C 107 24.55 16.97 -9.97
CA VAL C 107 24.72 15.56 -10.15
C VAL C 107 25.42 15.25 -11.47
N THR C 108 26.17 14.16 -11.47
CA THR C 108 26.91 13.71 -12.65
C THR C 108 26.71 12.21 -12.85
N GLN C 109 25.82 11.87 -13.79
CA GLN C 109 25.55 10.46 -14.11
C GLN C 109 26.50 10.01 -15.22
N ASN C 110 27.76 9.80 -14.82
CA ASN C 110 28.77 9.30 -15.75
C ASN C 110 28.53 7.80 -15.79
N ASP C 111 28.13 7.28 -16.97
CA ASP C 111 27.87 5.83 -17.22
C ASP C 111 26.97 5.19 -16.10
N GLY C 112 27.43 4.08 -15.53
CA GLY C 112 26.73 3.44 -14.42
C GLY C 112 27.37 4.00 -13.16
N THR C 113 27.02 5.26 -12.80
CA THR C 113 27.56 5.97 -11.62
C THR C 113 27.29 7.49 -11.59
N THR C 114 26.48 7.88 -10.60
CA THR C 114 26.14 9.30 -10.41
C THR C 114 27.08 9.86 -9.31
N THR C 115 27.25 11.18 -9.31
CA THR C 115 28.15 11.78 -8.35
C THR C 115 27.80 13.23 -8.18
N ILE C 116 27.18 13.50 -7.05
CA ILE C 116 26.71 14.84 -6.74
C ILE C 116 27.81 15.67 -6.14
N ALA C 117 27.92 16.93 -6.57
CA ALA C 117 28.92 17.83 -6.00
C ALA C 117 28.43 19.28 -6.05
N ASN C 118 28.97 20.13 -5.16
CA ASN C 118 28.62 21.57 -5.04
C ASN C 118 28.95 22.47 -6.24
N ASN C 119 27.96 23.19 -6.71
CA ASN C 119 28.23 24.09 -7.81
C ASN C 119 28.20 25.47 -7.23
N LEU C 120 28.95 25.62 -6.14
CA LEU C 120 29.06 26.88 -5.42
C LEU C 120 28.45 28.11 -6.08
N THR C 121 29.10 28.60 -7.16
CA THR C 121 28.64 29.76 -7.91
C THR C 121 27.16 29.75 -8.31
N SER C 122 26.76 28.88 -9.22
CA SER C 122 25.35 28.85 -9.65
C SER C 122 24.35 29.26 -8.58
N THR C 123 23.27 29.84 -9.07
CA THR C 123 22.18 30.33 -8.25
C THR C 123 20.76 29.84 -8.40
N VAL C 124 20.02 30.19 -7.36
CA VAL C 124 18.62 29.89 -7.24
C VAL C 124 18.01 31.27 -7.09
N GLN C 125 16.96 31.55 -7.84
CA GLN C 125 16.36 32.87 -7.64
C GLN C 125 14.96 32.68 -7.13
N VAL C 126 14.58 33.58 -6.24
CA VAL C 126 13.29 33.63 -5.57
C VAL C 126 12.62 34.93 -5.84
N PHE C 127 11.31 34.95 -5.73
CA PHE C 127 10.57 36.17 -5.91
C PHE C 127 9.15 35.93 -5.45
N THR C 128 8.61 36.93 -4.79
CA THR C 128 7.27 36.90 -4.25
C THR C 128 6.41 37.81 -5.08
N ASP C 129 5.26 37.27 -5.49
CA ASP C 129 4.29 37.96 -6.35
C ASP C 129 3.38 38.87 -5.56
N SER C 130 3.97 39.52 -4.59
CA SER C 130 3.28 40.51 -3.76
C SER C 130 2.21 41.45 -4.42
N GLU C 131 2.09 41.47 -5.76
CA GLU C 131 1.04 42.30 -6.40
C GLU C 131 -0.13 41.51 -6.97
N TYR C 132 -0.12 40.24 -6.64
CA TYR C 132 -1.13 39.30 -7.05
C TYR C 132 -1.43 39.32 -8.54
N GLN C 133 -0.37 39.44 -9.33
CA GLN C 133 -0.54 39.45 -10.76
C GLN C 133 -0.43 38.05 -11.32
N LEU C 134 -0.28 37.10 -10.43
CA LEU C 134 -0.22 35.73 -10.90
C LEU C 134 -1.35 34.88 -10.37
N PRO C 135 -1.89 34.02 -11.24
CA PRO C 135 -2.99 33.09 -10.92
C PRO C 135 -2.76 32.47 -9.54
N TYR C 136 -3.52 32.93 -8.56
CA TYR C 136 -3.33 32.40 -7.22
C TYR C 136 -3.70 30.92 -7.15
N VAL C 137 -2.68 30.08 -7.04
CA VAL C 137 -2.92 28.65 -6.93
C VAL C 137 -3.26 28.16 -5.54
N LEU C 138 -2.46 28.54 -4.53
CA LEU C 138 -2.69 28.16 -3.12
C LEU C 138 -4.16 28.31 -2.81
N GLY C 139 -4.59 27.68 -1.73
CA GLY C 139 -6.01 27.76 -1.38
C GLY C 139 -6.85 26.70 -2.09
N SER C 140 -6.27 26.11 -3.14
CA SER C 140 -6.88 25.03 -3.94
C SER C 140 -6.67 23.63 -3.38
N ALA C 141 -6.42 23.59 -2.07
CA ALA C 141 -6.25 22.36 -1.30
C ALA C 141 -5.23 21.42 -1.89
N HIS C 142 -4.28 21.98 -2.61
CA HIS C 142 -3.26 21.13 -3.24
C HIS C 142 -2.38 20.64 -2.18
N GLN C 143 -1.62 19.62 -2.50
CA GLN C 143 -0.73 19.05 -1.51
C GLN C 143 0.72 19.20 -1.85
N GLY C 144 1.49 19.91 -1.02
CA GLY C 144 2.93 20.12 -1.20
C GLY C 144 3.35 21.26 -0.27
N CYS C 145 2.57 21.38 0.82
CA CYS C 145 2.72 22.41 1.84
C CYS C 145 3.81 21.92 2.71
N LEU C 146 3.88 22.45 3.90
CA LEU C 146 4.94 22.03 4.78
C LEU C 146 4.60 20.75 5.50
N PRO C 147 5.64 19.95 5.89
CA PRO C 147 5.48 18.69 6.62
C PRO C 147 4.99 19.07 7.98
N PRO C 148 4.07 18.31 8.52
CA PRO C 148 3.51 18.59 9.84
C PRO C 148 4.64 18.40 10.82
N PHE C 149 5.33 17.28 10.60
CA PHE C 149 6.47 16.90 11.43
C PHE C 149 7.78 17.55 10.95
N PRO C 150 8.41 18.42 11.79
CA PRO C 150 9.66 19.18 11.55
C PRO C 150 10.74 18.42 10.86
N ALA C 151 11.19 17.39 11.56
CA ALA C 151 12.24 16.52 11.09
C ALA C 151 12.15 16.07 9.63
N ASP C 152 10.94 16.13 9.03
CA ASP C 152 10.67 15.74 7.63
C ASP C 152 11.20 16.72 6.61
N VAL C 153 11.91 16.18 5.63
CA VAL C 153 12.49 16.96 4.54
C VAL C 153 11.48 16.90 3.42
N PHE C 154 11.37 17.96 2.63
CA PHE C 154 10.39 17.92 1.58
C PHE C 154 10.77 18.49 0.22
N MET C 155 9.96 18.14 -0.76
CA MET C 155 10.22 18.61 -2.11
C MET C 155 9.30 19.78 -2.45
N VAL C 156 9.82 20.79 -3.12
CA VAL C 156 8.98 21.94 -3.47
C VAL C 156 8.11 21.68 -4.68
N PRO C 157 6.84 22.04 -4.60
CA PRO C 157 5.90 21.84 -5.70
C PRO C 157 6.24 22.66 -6.93
N GLN C 158 5.75 22.24 -8.07
CA GLN C 158 5.94 23.02 -9.28
C GLN C 158 4.70 23.89 -9.62
N TYR C 159 4.94 25.14 -9.94
CA TYR C 159 3.88 26.05 -10.36
C TYR C 159 3.30 25.74 -11.75
N GLY C 160 1.97 25.72 -11.81
CA GLY C 160 1.18 25.51 -13.03
C GLY C 160 -0.12 26.23 -12.85
N TYR C 161 -0.79 26.58 -13.93
CA TYR C 161 -2.05 27.29 -13.78
C TYR C 161 -2.97 27.00 -14.94
N LEU C 162 -4.20 27.49 -14.86
CA LEU C 162 -5.18 27.30 -15.93
C LEU C 162 -5.93 28.51 -16.51
N THR C 163 -6.03 28.64 -17.83
CA THR C 163 -6.82 29.79 -18.35
C THR C 163 -8.08 29.28 -18.97
N LEU C 164 -8.61 30.08 -19.88
CA LEU C 164 -9.84 29.73 -20.54
C LEU C 164 -9.57 28.61 -21.52
N ASN C 165 -10.64 27.95 -21.95
CA ASN C 165 -10.57 26.86 -22.92
C ASN C 165 -11.94 26.51 -23.54
N ASN C 166 -11.96 26.21 -24.84
CA ASN C 166 -13.16 25.80 -25.55
C ASN C 166 -12.89 24.37 -25.91
N GLY C 167 -13.19 23.54 -24.92
CA GLY C 167 -12.91 22.12 -24.94
C GLY C 167 -11.42 22.05 -24.65
N SER C 168 -10.73 21.05 -25.18
CA SER C 168 -9.28 20.84 -25.04
C SER C 168 -8.38 21.95 -25.67
N GLN C 169 -9.02 22.92 -26.29
CA GLN C 169 -8.29 23.98 -26.97
C GLN C 169 -8.36 25.34 -26.28
N ALA C 170 -7.44 26.23 -26.63
CA ALA C 170 -7.43 27.58 -26.04
C ALA C 170 -8.46 28.50 -26.67
N VAL C 171 -8.76 29.60 -25.99
CA VAL C 171 -9.72 30.58 -26.50
C VAL C 171 -8.89 31.78 -26.31
N GLY C 172 -8.99 32.73 -27.21
CA GLY C 172 -8.18 33.92 -27.11
C GLY C 172 -8.04 34.67 -25.79
N ARG C 173 -9.15 35.10 -25.18
CA ARG C 173 -9.07 35.81 -23.91
C ARG C 173 -8.03 35.24 -22.93
N SER C 174 -7.89 33.89 -22.89
CA SER C 174 -6.89 33.21 -22.04
C SER C 174 -5.51 33.84 -22.10
N SER C 175 -4.96 34.14 -20.93
CA SER C 175 -3.68 34.79 -20.82
C SER C 175 -2.55 33.79 -20.53
N PHE C 176 -1.35 34.17 -20.95
CA PHE C 176 -0.16 33.40 -20.70
C PHE C 176 0.90 34.23 -19.93
N TYR C 177 0.94 34.04 -18.62
CA TYR C 177 1.89 34.72 -17.74
C TYR C 177 3.24 34.05 -17.73
N CYS C 178 4.27 34.86 -17.90
CA CYS C 178 5.63 34.33 -17.88
C CYS C 178 6.33 34.77 -16.60
N LEU C 179 6.71 33.82 -15.76
CA LEU C 179 7.44 34.07 -14.50
C LEU C 179 8.79 34.83 -14.53
N GLU C 180 9.44 34.94 -15.69
CA GLU C 180 10.70 35.69 -15.74
C GLU C 180 10.45 37.15 -15.88
N TYR C 181 9.21 37.45 -16.25
CA TYR C 181 8.79 38.82 -16.40
C TYR C 181 8.45 39.42 -15.05
N PHE C 182 9.32 39.15 -14.09
CA PHE C 182 9.15 39.65 -12.75
C PHE C 182 10.53 39.91 -12.29
N PRO C 183 10.70 40.66 -11.20
CA PRO C 183 12.08 40.85 -10.84
C PRO C 183 12.53 39.89 -9.74
N SER C 184 12.91 38.69 -10.13
CA SER C 184 13.34 37.71 -9.17
C SER C 184 14.58 38.24 -8.45
N GLN C 185 14.74 37.86 -7.20
CA GLN C 185 15.97 38.24 -6.52
C GLN C 185 16.81 36.96 -6.64
N MET C 186 18.09 37.09 -6.97
CA MET C 186 18.98 35.93 -7.12
C MET C 186 19.88 35.65 -5.93
N LEU C 187 19.74 34.45 -5.38
CA LEU C 187 20.57 34.06 -4.25
C LEU C 187 21.63 33.07 -4.67
N ARG C 188 22.79 33.20 -4.06
CA ARG C 188 23.91 32.32 -4.32
C ARG C 188 24.14 31.77 -2.91
N THR C 189 25.07 30.89 -2.60
CA THR C 189 25.12 30.56 -1.14
C THR C 189 25.57 31.73 -0.29
N GLY C 190 25.27 31.69 1.00
CA GLY C 190 25.61 32.82 1.89
C GLY C 190 24.59 33.94 1.72
N ASN C 191 23.59 33.64 0.89
CA ASN C 191 22.50 34.56 0.61
C ASN C 191 21.21 34.00 1.19
N ASN C 192 20.39 34.91 1.73
CA ASN C 192 19.12 34.56 2.33
C ASN C 192 18.11 35.56 1.81
N PHE C 193 16.85 35.16 1.90
CA PHE C 193 15.73 35.93 1.44
C PHE C 193 14.67 35.96 2.51
N THR C 194 14.53 37.11 3.11
CA THR C 194 13.51 37.24 4.11
C THR C 194 12.43 38.17 3.54
N PHE C 195 11.28 38.15 4.17
CA PHE C 195 10.17 39.01 3.79
C PHE C 195 9.10 38.84 4.84
N SER C 196 8.33 39.89 5.07
CA SER C 196 7.29 39.80 6.08
C SER C 196 5.92 40.33 5.57
N TYR C 197 4.85 39.83 6.15
CA TYR C 197 3.47 40.12 5.77
C TYR C 197 2.58 40.49 6.93
N THR C 198 1.45 41.13 6.66
CA THR C 198 0.52 41.46 7.72
C THR C 198 -0.88 41.15 7.26
N PHE C 199 -1.57 40.35 8.03
CA PHE C 199 -2.92 39.99 7.67
C PHE C 199 -3.87 41.17 7.80
N GLU C 200 -5.06 41.00 7.25
CA GLU C 200 -6.09 42.02 7.30
C GLU C 200 -7.28 41.60 8.22
N ASP C 201 -7.77 42.54 9.02
CA ASP C 201 -8.92 42.29 9.90
C ASP C 201 -9.90 41.28 9.29
N VAL C 202 -9.92 40.13 9.93
CA VAL C 202 -10.75 39.05 9.50
C VAL C 202 -11.44 38.59 10.74
N PRO C 203 -12.49 37.80 10.60
CA PRO C 203 -13.17 37.33 11.80
C PRO C 203 -12.53 36.10 12.49
N PHE C 204 -12.48 36.12 13.82
CA PHE C 204 -11.92 34.99 14.56
C PHE C 204 -12.72 33.79 14.13
N HIS C 205 -12.05 32.69 13.83
CA HIS C 205 -12.76 31.48 13.51
C HIS C 205 -13.50 31.06 14.76
N SER C 206 -14.76 30.73 14.61
CA SER C 206 -15.54 30.35 15.77
C SER C 206 -15.14 28.96 16.17
N SER C 207 -14.40 28.85 17.27
CA SER C 207 -13.91 27.58 17.79
C SER C 207 -14.68 27.14 19.02
N TYR C 208 -15.99 27.23 18.91
CA TYR C 208 -16.80 26.81 20.02
C TYR C 208 -18.04 26.19 19.44
N ALA C 209 -18.74 25.40 20.24
CA ALA C 209 -19.95 24.78 19.78
C ALA C 209 -21.09 25.45 20.56
N HIS C 210 -22.27 25.50 19.97
CA HIS C 210 -23.44 26.13 20.59
C HIS C 210 -24.21 25.31 21.63
N SER C 211 -24.51 25.83 22.83
CA SER C 211 -25.35 25.06 23.79
C SER C 211 -26.86 25.18 23.44
N GLN C 212 -27.35 26.34 23.00
CA GLN C 212 -28.79 26.39 22.65
C GLN C 212 -28.96 26.12 21.15
N SER C 213 -30.17 26.10 20.62
CA SER C 213 -30.29 25.89 19.19
C SER C 213 -31.47 26.76 18.82
N LEU C 214 -31.50 27.28 17.61
CA LEU C 214 -32.59 28.15 17.12
C LEU C 214 -33.99 27.84 17.66
N ASP C 215 -34.59 26.74 17.23
CA ASP C 215 -35.89 26.30 17.75
C ASP C 215 -35.98 26.47 19.31
N ARG C 216 -35.33 25.57 20.06
CA ARG C 216 -35.30 25.64 21.55
C ARG C 216 -34.37 26.74 22.00
N LEU C 217 -34.96 27.92 22.17
CA LEU C 217 -34.26 29.13 22.52
C LEU C 217 -34.93 30.10 23.56
N MET C 218 -36.26 30.07 23.58
CA MET C 218 -37.08 30.85 24.50
C MET C 218 -37.20 30.23 25.91
N ASN C 219 -37.96 30.87 26.78
CA ASN C 219 -38.11 30.33 28.14
C ASN C 219 -39.39 29.51 28.41
N PRO C 220 -39.22 28.19 28.68
CA PRO C 220 -40.22 27.14 28.95
C PRO C 220 -41.35 27.57 29.85
N LEU C 221 -40.93 28.08 31.01
CA LEU C 221 -41.76 28.55 32.11
C LEU C 221 -42.93 29.42 31.67
N ILE C 222 -42.66 30.33 30.75
CA ILE C 222 -43.70 31.20 30.23
C ILE C 222 -44.21 31.00 28.80
N ASP C 223 -45.54 31.07 28.65
CA ASP C 223 -46.16 30.91 27.33
C ASP C 223 -46.04 32.27 26.70
N GLN C 224 -45.96 32.33 25.39
CA GLN C 224 -45.85 33.62 24.71
C GLN C 224 -47.17 34.31 24.89
N TYR C 225 -47.35 35.39 24.16
CA TYR C 225 -48.62 36.08 24.19
C TYR C 225 -49.19 36.14 22.78
N LEU C 226 -48.37 35.80 21.79
CA LEU C 226 -48.85 35.79 20.43
C LEU C 226 -49.55 34.48 20.21
N TYR C 227 -50.63 34.50 19.43
CA TYR C 227 -51.39 33.31 19.10
C TYR C 227 -51.08 32.77 17.73
N TYR C 228 -51.27 31.47 17.60
CA TYR C 228 -51.07 30.76 16.35
C TYR C 228 -52.28 29.88 16.08
N LEU C 229 -52.36 29.39 14.85
CA LEU C 229 -53.50 28.59 14.44
C LEU C 229 -53.55 27.14 14.97
N SER C 230 -54.19 26.92 16.12
CA SER C 230 -54.25 25.58 16.72
C SER C 230 -55.00 24.55 15.91
N ARG C 231 -56.31 24.76 15.69
CA ARG C 231 -57.10 23.84 14.88
C ARG C 231 -57.87 24.55 13.77
N THR C 232 -58.27 23.79 12.76
CA THR C 232 -59.00 24.29 11.59
C THR C 232 -60.46 23.89 11.55
N ASN C 233 -60.70 22.59 11.61
CA ASN C 233 -62.08 22.18 11.59
C ASN C 233 -62.52 21.92 13.01
N THR C 234 -63.78 21.53 13.12
CA THR C 234 -64.37 21.23 14.41
C THR C 234 -65.57 20.28 14.37
N PRO C 235 -65.68 19.41 15.40
CA PRO C 235 -66.73 18.40 15.60
C PRO C 235 -68.12 19.00 15.46
N SER C 236 -68.90 18.39 14.57
CA SER C 236 -70.27 18.84 14.33
C SER C 236 -71.08 17.53 14.34
N GLY C 237 -71.39 17.10 15.58
CA GLY C 237 -72.09 15.84 15.82
C GLY C 237 -71.20 14.72 15.29
N THR C 238 -71.54 14.23 14.08
CA THR C 238 -70.79 13.16 13.38
C THR C 238 -69.66 13.74 12.55
N THR C 239 -70.04 14.74 11.76
CA THR C 239 -69.09 15.37 10.88
C THR C 239 -68.45 16.66 11.39
N THR C 240 -67.25 16.85 10.90
CA THR C 240 -66.43 18.01 11.15
C THR C 240 -66.99 19.18 10.31
N GLN C 241 -66.86 20.37 10.83
CA GLN C 241 -67.30 21.55 10.13
C GLN C 241 -66.12 22.51 10.36
N SER C 242 -65.49 23.02 9.29
CA SER C 242 -64.33 23.93 9.41
C SER C 242 -64.65 25.13 10.34
N ARG C 243 -63.78 25.33 11.33
CA ARG C 243 -63.91 26.38 12.34
C ARG C 243 -62.54 26.58 12.97
N LEU C 244 -61.78 27.54 12.43
CA LEU C 244 -60.45 27.80 12.92
C LEU C 244 -60.36 28.47 14.26
N GLN C 245 -59.63 27.81 15.13
CA GLN C 245 -59.42 28.28 16.46
C GLN C 245 -57.92 28.41 16.64
N PHE C 246 -57.51 29.36 17.47
CA PHE C 246 -56.10 29.63 17.73
C PHE C 246 -55.66 29.43 19.16
N SER C 247 -54.37 29.14 19.34
CA SER C 247 -53.86 28.96 20.68
C SER C 247 -52.66 29.81 20.92
N GLN C 248 -52.27 29.84 22.17
CA GLN C 248 -51.12 30.62 22.61
C GLN C 248 -49.99 29.67 22.89
N ALA C 249 -49.01 29.62 21.99
CA ALA C 249 -47.90 28.66 22.17
C ALA C 249 -47.24 28.63 23.55
N GLY C 250 -47.14 27.44 24.12
CA GLY C 250 -46.50 27.28 25.42
C GLY C 250 -45.37 26.26 25.31
N ALA C 251 -44.99 25.64 26.41
CA ALA C 251 -43.89 24.66 26.40
C ALA C 251 -44.28 23.39 25.60
N SER C 252 -45.42 22.79 25.98
CA SER C 252 -46.02 21.61 25.35
C SER C 252 -46.26 21.84 23.83
N ASP C 253 -46.53 23.10 23.55
CA ASP C 253 -46.77 23.59 22.20
C ASP C 253 -45.55 23.84 21.37
N ILE C 254 -44.46 24.18 22.04
CA ILE C 254 -43.19 24.47 21.38
C ILE C 254 -43.05 24.44 19.87
N ARG C 255 -43.12 23.27 19.28
CA ARG C 255 -42.95 23.22 17.84
C ARG C 255 -43.65 24.42 17.19
N ASP C 256 -44.80 24.79 17.74
CA ASP C 256 -45.65 25.85 17.19
C ASP C 256 -45.28 27.25 17.55
N GLN C 257 -44.38 27.38 18.52
CA GLN C 257 -43.98 28.70 18.94
C GLN C 257 -43.50 29.65 17.84
N SER C 258 -43.77 30.93 18.04
CA SER C 258 -43.33 32.02 17.12
C SER C 258 -41.88 32.33 17.43
N ARG C 259 -41.11 32.66 16.41
CA ARG C 259 -39.69 32.92 16.59
C ARG C 259 -39.11 34.19 15.97
N ASN C 260 -37.82 34.22 15.66
CA ASN C 260 -37.29 35.47 15.16
C ASN C 260 -36.18 35.29 14.17
N TRP C 261 -35.69 34.06 14.00
CA TRP C 261 -34.58 33.81 13.09
C TRP C 261 -34.66 32.43 12.46
N LEU C 262 -34.07 32.29 11.28
CA LEU C 262 -34.08 31.06 10.51
C LEU C 262 -32.77 30.32 10.34
N PRO C 263 -32.84 29.00 10.22
CA PRO C 263 -31.61 28.24 10.05
C PRO C 263 -30.90 28.76 8.81
N GLY C 264 -29.61 28.44 8.76
CA GLY C 264 -28.74 28.80 7.66
C GLY C 264 -29.33 28.22 6.39
N PRO C 265 -28.73 28.51 5.24
CA PRO C 265 -29.23 28.02 3.96
C PRO C 265 -28.83 26.56 3.74
N CYS C 266 -29.23 26.01 2.59
CA CYS C 266 -28.93 24.61 2.25
C CYS C 266 -28.93 24.31 0.75
N TYR C 267 -28.36 23.14 0.45
CA TYR C 267 -28.21 22.57 -0.89
C TYR C 267 -28.09 21.03 -0.80
N ARG C 268 -29.19 20.35 -0.51
CA ARG C 268 -29.27 18.89 -0.36
C ARG C 268 -28.20 17.95 -0.97
N GLN C 269 -27.70 17.08 -0.11
CA GLN C 269 -26.70 16.10 -0.51
C GLN C 269 -27.25 14.67 -0.32
N GLN C 270 -26.72 13.74 -1.08
CA GLN C 270 -27.09 12.37 -0.88
C GLN C 270 -26.46 11.81 0.40
N ARG C 271 -27.20 10.94 1.07
CA ARG C 271 -26.70 10.35 2.27
C ARG C 271 -26.10 8.96 2.05
N VAL C 272 -24.90 8.77 2.57
CA VAL C 272 -24.28 7.47 2.44
C VAL C 272 -23.96 7.04 3.86
N SER C 273 -23.81 5.76 4.10
CA SER C 273 -23.50 5.35 5.45
C SER C 273 -22.21 4.57 5.54
N LYS C 274 -21.53 4.83 6.65
CA LYS C 274 -20.26 4.20 6.94
C LYS C 274 -20.51 2.69 6.90
N THR C 275 -21.75 2.25 7.10
CA THR C 275 -22.07 0.79 7.09
C THR C 275 -22.39 0.24 5.70
N SER C 276 -21.38 -0.29 5.00
CA SER C 276 -21.51 -0.87 3.64
C SER C 276 -22.93 -1.35 3.30
N ALA C 277 -23.48 -2.20 4.16
CA ALA C 277 -24.82 -2.75 4.02
C ALA C 277 -25.84 -1.75 3.43
N ASP C 278 -26.42 -0.92 4.30
CA ASP C 278 -27.44 0.11 3.98
C ASP C 278 -27.39 0.67 2.58
N ASN C 279 -26.24 1.20 2.19
CA ASN C 279 -26.01 1.78 0.86
C ASN C 279 -26.43 1.00 -0.38
N ASN C 280 -27.36 1.58 -1.13
CA ASN C 280 -27.82 1.05 -2.40
C ASN C 280 -26.57 0.67 -3.23
N ASN C 281 -26.69 -0.47 -3.88
CA ASN C 281 -25.61 -1.02 -4.69
C ASN C 281 -25.62 -0.54 -6.15
N SER C 282 -24.67 0.29 -6.55
CA SER C 282 -24.63 0.77 -7.93
C SER C 282 -23.69 1.92 -8.02
N GLU C 283 -23.64 2.55 -9.18
CA GLU C 283 -22.76 3.68 -9.33
C GLU C 283 -23.42 5.05 -9.43
N TYR C 284 -23.70 5.62 -8.28
CA TYR C 284 -24.31 6.91 -8.27
C TYR C 284 -23.29 7.89 -7.73
N SER C 285 -22.02 7.52 -7.81
CA SER C 285 -20.93 8.35 -7.28
C SER C 285 -20.97 9.68 -7.97
N TRP C 286 -21.09 9.66 -9.28
CA TRP C 286 -21.19 10.92 -9.95
C TRP C 286 -22.65 11.22 -10.20
N THR C 287 -23.31 10.32 -10.90
CA THR C 287 -24.72 10.49 -11.25
C THR C 287 -25.61 10.99 -10.11
N GLY C 288 -25.37 10.53 -8.90
CA GLY C 288 -26.24 10.98 -7.83
C GLY C 288 -25.82 12.14 -6.96
N ALA C 289 -24.53 12.53 -7.08
CA ALA C 289 -23.92 13.62 -6.29
C ALA C 289 -24.35 15.01 -6.64
N THR C 290 -24.49 15.82 -5.61
CA THR C 290 -24.95 17.19 -5.83
C THR C 290 -23.87 18.06 -6.55
N LYS C 291 -24.27 18.75 -7.62
CA LYS C 291 -23.34 19.58 -8.39
C LYS C 291 -23.93 20.91 -8.91
N TYR C 292 -23.14 21.65 -9.67
CA TYR C 292 -23.61 22.91 -10.26
C TYR C 292 -22.96 22.95 -11.63
N HIS C 293 -23.32 23.88 -12.50
CA HIS C 293 -22.58 23.93 -13.75
C HIS C 293 -22.45 25.25 -14.51
N LEU C 294 -21.20 25.53 -14.91
CA LEU C 294 -20.77 26.71 -15.70
C LEU C 294 -20.42 26.28 -17.12
N ASN C 295 -20.69 27.20 -18.04
CA ASN C 295 -20.41 27.01 -19.45
C ASN C 295 -20.63 25.57 -19.88
N GLY C 296 -21.76 24.99 -19.51
CA GLY C 296 -22.04 23.61 -19.84
C GLY C 296 -21.20 22.47 -19.23
N ARG C 297 -20.25 22.77 -18.33
CA ARG C 297 -19.54 21.64 -17.69
C ARG C 297 -19.98 21.60 -16.23
N ASP C 298 -20.62 20.49 -15.90
CA ASP C 298 -21.07 20.27 -14.54
C ASP C 298 -19.83 19.99 -13.68
N SER C 299 -19.63 20.77 -12.62
CA SER C 299 -18.53 20.43 -11.74
C SER C 299 -19.15 19.91 -10.45
N LEU C 300 -18.34 19.30 -9.61
CA LEU C 300 -18.84 18.77 -8.36
C LEU C 300 -19.06 19.83 -7.27
N VAL C 301 -19.90 19.59 -6.29
CA VAL C 301 -20.02 20.61 -5.26
C VAL C 301 -19.43 20.01 -4.02
N ASN C 302 -18.10 20.03 -3.88
CA ASN C 302 -17.45 19.51 -2.67
C ASN C 302 -17.52 20.49 -1.50
N PRO C 303 -17.17 20.06 -0.26
CA PRO C 303 -17.31 21.02 0.84
C PRO C 303 -18.57 21.82 0.51
N GLY C 304 -19.74 21.19 0.55
CA GLY C 304 -20.96 21.92 0.23
C GLY C 304 -21.11 23.10 1.18
N PRO C 305 -22.08 24.00 0.96
CA PRO C 305 -22.18 25.10 1.90
C PRO C 305 -22.27 24.47 3.28
N ALA C 306 -21.62 25.12 4.22
CA ALA C 306 -21.57 24.62 5.57
C ALA C 306 -22.90 24.12 6.15
N MET C 307 -23.00 22.80 6.31
CA MET C 307 -24.19 22.26 6.95
C MET C 307 -23.97 20.92 7.63
N ALA C 308 -24.38 20.87 8.91
CA ALA C 308 -24.30 19.70 9.80
C ALA C 308 -24.37 18.40 9.01
N SER C 309 -23.53 17.43 9.34
CA SER C 309 -23.50 16.14 8.64
C SER C 309 -24.45 14.98 9.06
N HIS C 310 -25.21 15.12 10.14
CA HIS C 310 -26.18 14.06 10.44
C HIS C 310 -27.00 14.39 11.65
N LYS C 311 -28.27 13.99 11.62
CA LYS C 311 -29.15 14.21 12.74
C LYS C 311 -28.69 13.41 13.94
N ASP C 312 -29.38 13.60 15.05
CA ASP C 312 -29.09 12.91 16.30
C ASP C 312 -29.08 11.44 16.02
N ASP C 313 -28.15 10.70 16.63
CA ASP C 313 -28.06 9.24 16.50
C ASP C 313 -27.72 8.72 15.08
N GLU C 314 -26.86 9.36 14.33
CA GLU C 314 -26.61 8.85 12.98
C GLU C 314 -25.23 9.18 12.55
N GLU C 315 -24.31 9.11 13.49
CA GLU C 315 -22.92 9.44 13.20
C GLU C 315 -22.43 8.57 12.07
N LYS C 316 -23.20 7.52 11.79
CA LYS C 316 -22.96 6.51 10.75
C LYS C 316 -23.14 7.06 9.35
N PHE C 317 -23.89 8.14 9.22
CA PHE C 317 -24.06 8.72 7.91
C PHE C 317 -23.21 9.92 7.64
N PHE C 318 -23.38 10.39 6.40
CA PHE C 318 -22.76 11.58 5.82
C PHE C 318 -23.04 11.92 4.37
N PRO C 319 -22.84 13.20 4.04
CA PRO C 319 -23.06 13.67 2.68
C PRO C 319 -22.10 13.03 1.71
N GLN C 320 -22.53 13.04 0.48
CA GLN C 320 -21.70 12.48 -0.52
C GLN C 320 -20.54 13.42 -0.75
N SER C 321 -20.75 14.73 -0.61
CA SER C 321 -19.64 15.62 -0.86
C SER C 321 -19.73 16.79 0.10
N GLY C 322 -20.44 16.57 1.21
CA GLY C 322 -20.61 17.61 2.20
C GLY C 322 -19.57 17.59 3.30
N VAL C 323 -18.57 16.74 3.17
CA VAL C 323 -17.54 16.75 4.20
C VAL C 323 -16.15 16.70 3.69
N LEU C 324 -15.24 17.02 4.60
CA LEU C 324 -13.84 16.99 4.30
C LEU C 324 -13.34 15.60 4.63
N ILE C 325 -12.49 15.06 3.76
CA ILE C 325 -11.92 13.72 3.97
C ILE C 325 -10.45 13.61 3.71
N PHE C 326 -9.71 13.28 4.76
CA PHE C 326 -8.29 13.15 4.66
C PHE C 326 -7.87 11.70 4.66
N GLY C 327 -6.71 11.43 4.10
CA GLY C 327 -6.16 10.08 4.07
C GLY C 327 -5.38 9.68 5.31
N LYS C 328 -5.45 8.41 5.69
CA LYS C 328 -4.69 7.96 6.84
C LYS C 328 -3.29 7.82 6.29
N GLN C 329 -2.32 8.37 7.00
CA GLN C 329 -0.93 8.36 6.57
C GLN C 329 -0.63 7.10 5.76
N GLY C 330 -0.30 7.30 4.49
CA GLY C 330 0.01 6.17 3.63
C GLY C 330 -0.99 5.94 2.52
N SER C 331 -2.28 5.99 2.85
CA SER C 331 -3.38 5.79 1.90
C SER C 331 -3.07 6.19 0.48
N GLU C 332 -3.18 5.23 -0.45
CA GLU C 332 -2.90 5.49 -1.85
C GLU C 332 -3.81 6.54 -2.48
N LYS C 333 -3.53 6.93 -3.72
CA LYS C 333 -4.26 7.99 -4.45
C LYS C 333 -5.67 7.78 -4.94
N THR C 334 -5.88 6.62 -5.51
CA THR C 334 -7.19 6.36 -6.03
C THR C 334 -7.95 5.13 -5.52
N ASN C 335 -9.26 5.30 -5.53
CA ASN C 335 -10.27 4.34 -5.14
C ASN C 335 -9.98 3.54 -3.90
N VAL C 336 -9.25 4.15 -2.98
CA VAL C 336 -8.91 3.53 -1.73
C VAL C 336 -10.16 3.29 -0.87
N ASP C 337 -10.14 2.21 -0.12
CA ASP C 337 -11.28 1.86 0.70
C ASP C 337 -11.50 2.64 1.93
N ILE C 338 -12.76 2.87 2.20
CA ILE C 338 -13.22 3.59 3.38
C ILE C 338 -12.28 3.49 4.61
N GLU C 339 -11.74 2.30 4.89
CA GLU C 339 -10.85 2.11 6.02
C GLU C 339 -9.57 2.91 5.89
N LYS C 340 -9.26 3.40 4.69
CA LYS C 340 -8.03 4.16 4.53
C LYS C 340 -8.21 5.66 4.77
N VAL C 341 -9.44 6.13 4.92
CA VAL C 341 -9.62 7.55 5.14
C VAL C 341 -10.26 7.97 6.47
N MET C 342 -10.14 9.26 6.73
CA MET C 342 -10.67 9.87 7.93
C MET C 342 -11.68 10.86 7.43
N ILE C 343 -12.93 10.66 7.79
CA ILE C 343 -13.96 11.57 7.34
C ILE C 343 -14.27 12.58 8.44
N THR C 344 -14.28 13.86 8.12
CA THR C 344 -14.67 14.84 9.14
C THR C 344 -16.19 14.84 9.39
N ASP C 345 -16.58 15.25 10.60
CA ASP C 345 -17.96 15.32 11.03
C ASP C 345 -18.31 16.69 11.57
N GLU C 346 -19.39 17.25 11.09
CA GLU C 346 -19.73 18.57 11.58
C GLU C 346 -21.00 18.60 12.38
N GLU C 347 -21.25 17.60 13.21
CA GLU C 347 -22.51 17.62 13.96
C GLU C 347 -22.68 18.92 14.71
N GLU C 348 -21.61 19.39 15.35
CA GLU C 348 -21.54 20.64 16.15
C GLU C 348 -22.46 21.78 15.65
N ILE C 349 -22.64 21.89 14.35
CA ILE C 349 -23.53 22.92 13.77
C ILE C 349 -25.05 22.69 13.89
N ARG C 350 -25.49 21.45 13.68
CA ARG C 350 -26.91 21.02 13.76
C ARG C 350 -27.79 22.11 14.30
N THR C 351 -27.31 22.65 15.42
CA THR C 351 -27.93 23.73 16.16
C THR C 351 -28.32 25.00 15.36
N THR C 352 -27.67 25.24 14.22
CA THR C 352 -27.98 26.43 13.41
C THR C 352 -28.15 26.28 11.90
N ASN C 353 -27.34 25.42 11.33
CA ASN C 353 -27.40 25.18 9.90
C ASN C 353 -28.15 23.90 9.76
N PRO C 354 -28.82 23.69 8.63
CA PRO C 354 -29.61 22.52 8.27
C PRO C 354 -28.82 21.26 8.15
N VAL C 355 -29.48 20.12 8.12
CA VAL C 355 -28.65 18.94 7.94
C VAL C 355 -28.44 18.73 6.46
N ALA C 356 -27.16 18.64 6.02
CA ALA C 356 -26.80 18.40 4.62
C ALA C 356 -27.74 17.46 3.89
N THR C 357 -27.93 16.26 4.41
CA THR C 357 -28.79 15.28 3.73
C THR C 357 -30.31 15.50 3.71
N GLU C 358 -30.84 16.26 4.66
CA GLU C 358 -32.28 16.52 4.69
C GLU C 358 -32.73 17.95 4.35
N GLN C 359 -33.79 18.04 3.56
CA GLN C 359 -34.36 19.32 3.15
C GLN C 359 -34.46 20.38 4.24
N TYR C 360 -34.46 21.63 3.79
CA TYR C 360 -34.57 22.78 4.65
C TYR C 360 -35.87 22.80 5.45
N GLY C 361 -36.98 22.86 4.74
CA GLY C 361 -38.28 22.87 5.41
C GLY C 361 -39.32 22.33 4.47
N SER C 362 -40.40 23.06 4.30
CA SER C 362 -41.45 22.66 3.42
C SER C 362 -42.39 23.82 3.34
N VAL C 363 -42.50 24.36 2.14
CA VAL C 363 -43.40 25.48 1.89
C VAL C 363 -44.75 24.95 1.36
N SER C 364 -45.82 25.75 1.46
CA SER C 364 -47.14 25.34 0.95
C SER C 364 -47.19 25.51 -0.56
N THR C 365 -47.94 24.65 -1.24
CA THR C 365 -48.00 24.75 -2.70
C THR C 365 -49.19 25.49 -3.23
N ASN C 366 -50.35 24.87 -3.16
CA ASN C 366 -51.58 25.47 -3.64
C ASN C 366 -52.24 26.39 -2.60
N LEU C 367 -53.42 26.88 -2.97
CA LEU C 367 -54.24 27.71 -2.09
C LEU C 367 -55.45 26.85 -1.87
N GLN C 368 -55.71 26.53 -0.62
CA GLN C 368 -56.83 25.68 -0.31
C GLN C 368 -58.14 26.42 -0.29
N ARG C 369 -59.21 25.65 -0.49
CA ARG C 369 -60.57 26.16 -0.44
C ARG C 369 -61.45 24.94 -0.18
N GLY C 370 -62.72 25.16 0.10
CA GLY C 370 -63.64 24.07 0.40
C GLY C 370 -63.37 22.86 -0.50
N ASN C 371 -63.42 23.10 -1.80
CA ASN C 371 -63.20 22.04 -2.79
C ASN C 371 -61.76 21.84 -3.22
N ARG C 372 -60.86 22.01 -2.26
CA ARG C 372 -59.45 21.86 -2.53
C ARG C 372 -58.62 21.71 -1.28
N GLN C 373 -58.07 20.52 -1.14
CA GLN C 373 -57.21 20.17 -0.03
C GLN C 373 -55.97 21.09 0.03
N ALA C 374 -55.42 21.33 1.22
CA ALA C 374 -54.21 22.18 1.38
C ALA C 374 -52.91 21.51 0.86
N ALA C 375 -52.25 22.07 -0.16
CA ALA C 375 -50.99 21.47 -0.66
C ALA C 375 -49.80 21.81 0.23
N THR C 376 -48.64 21.25 -0.11
CA THR C 376 -47.38 21.47 0.60
C THR C 376 -46.26 20.70 -0.11
N ALA C 377 -45.01 21.15 0.05
CA ALA C 377 -43.88 20.49 -0.58
C ALA C 377 -42.56 20.77 0.12
N ASP C 378 -41.66 19.80 0.13
CA ASP C 378 -40.38 19.96 0.81
C ASP C 378 -39.42 20.69 -0.07
N VAL C 379 -38.53 21.49 0.54
CA VAL C 379 -37.53 22.28 -0.19
C VAL C 379 -36.10 21.77 0.03
N ASN C 380 -35.45 21.43 -1.08
CA ASN C 380 -34.11 20.90 -0.99
C ASN C 380 -32.98 21.89 -1.25
N THR C 381 -33.34 23.11 -1.62
CA THR C 381 -32.36 24.16 -1.89
C THR C 381 -32.91 25.52 -1.54
N GLN C 382 -32.39 26.09 -0.45
CA GLN C 382 -32.84 27.38 0.01
C GLN C 382 -31.68 28.38 0.06
N GLY C 383 -31.81 29.42 -0.77
CA GLY C 383 -30.78 30.43 -0.82
C GLY C 383 -31.02 31.33 0.35
N VAL C 384 -29.98 32.06 0.76
CA VAL C 384 -30.05 32.97 1.90
C VAL C 384 -31.31 33.78 1.98
N LEU C 385 -31.84 33.87 3.18
CA LEU C 385 -33.09 34.55 3.47
C LEU C 385 -32.86 35.44 4.71
N PRO C 386 -33.56 36.61 4.83
CA PRO C 386 -33.43 37.56 5.95
C PRO C 386 -33.72 36.90 7.24
N GLY C 387 -32.95 37.18 8.27
CA GLY C 387 -33.20 36.47 9.49
C GLY C 387 -32.42 35.16 9.53
N MET C 388 -31.95 34.61 8.42
CA MET C 388 -31.14 33.38 8.52
C MET C 388 -29.87 33.71 9.29
N VAL C 389 -29.32 32.73 9.99
CA VAL C 389 -28.10 32.82 10.77
C VAL C 389 -27.43 31.47 10.73
N TRP C 390 -26.12 31.44 10.75
CA TRP C 390 -25.49 30.17 10.68
C TRP C 390 -24.05 30.25 11.03
N GLN C 391 -23.47 29.06 11.02
CA GLN C 391 -22.10 28.78 11.38
C GLN C 391 -21.29 28.29 10.20
N ASP C 392 -20.00 28.63 10.13
CA ASP C 392 -19.13 28.19 9.04
C ASP C 392 -18.39 26.88 9.34
N ARG C 393 -17.97 26.15 8.30
CA ARG C 393 -17.31 24.85 8.46
C ARG C 393 -16.14 24.93 9.44
N ASP C 394 -16.07 24.05 10.42
CA ASP C 394 -14.96 24.10 11.41
C ASP C 394 -13.57 24.05 10.73
N VAL C 395 -12.46 24.01 11.47
CA VAL C 395 -11.18 23.98 10.77
C VAL C 395 -10.27 22.79 10.65
N TYR C 396 -10.04 22.03 11.69
CA TYR C 396 -9.13 20.89 11.50
C TYR C 396 -7.67 21.23 11.25
N LEU C 397 -6.90 20.76 12.19
CA LEU C 397 -5.47 20.95 12.28
C LEU C 397 -4.75 20.77 10.99
N GLN C 398 -5.12 19.73 10.29
CA GLN C 398 -4.48 19.48 9.03
C GLN C 398 -5.33 19.99 7.89
N GLY C 399 -6.10 21.05 8.14
CA GLY C 399 -6.96 21.58 7.10
C GLY C 399 -6.35 22.83 6.51
N PRO C 400 -7.02 23.47 5.55
CA PRO C 400 -6.59 24.69 4.86
C PRO C 400 -6.61 25.72 5.95
N ILE C 401 -5.92 26.83 5.72
CA ILE C 401 -5.83 27.89 6.70
C ILE C 401 -6.52 29.09 6.14
N TRP C 402 -6.36 29.29 4.85
CA TRP C 402 -7.00 30.43 4.24
C TRP C 402 -7.24 30.28 2.76
N ALA C 403 -7.69 31.36 2.14
CA ALA C 403 -7.94 31.28 0.73
C ALA C 403 -8.21 32.67 0.19
N LYS C 404 -7.81 32.89 -1.06
CA LYS C 404 -7.99 34.21 -1.65
C LYS C 404 -9.38 34.49 -2.16
N ILE C 405 -9.96 35.62 -1.73
CA ILE C 405 -11.29 35.99 -2.22
C ILE C 405 -11.09 36.45 -3.64
N PRO C 406 -11.79 35.79 -4.57
CA PRO C 406 -11.74 36.08 -6.00
C PRO C 406 -12.10 37.53 -6.26
N HIS C 407 -11.40 38.15 -7.21
CA HIS C 407 -11.68 39.54 -7.52
C HIS C 407 -12.92 39.66 -8.40
N THR C 408 -14.08 39.87 -7.77
CA THR C 408 -15.31 40.00 -8.52
C THR C 408 -16.19 41.10 -8.13
N ASP C 409 -17.11 41.38 -9.04
CA ASP C 409 -18.04 42.44 -8.81
C ASP C 409 -18.85 42.11 -7.60
N GLY C 410 -18.85 40.89 -7.14
CA GLY C 410 -19.67 40.65 -5.98
C GLY C 410 -19.43 39.34 -5.31
N HIS C 411 -19.35 39.37 -3.99
CA HIS C 411 -19.13 38.19 -3.13
C HIS C 411 -20.17 38.14 -2.08
N PHE C 412 -20.43 36.98 -1.54
CA PHE C 412 -21.39 37.02 -0.47
C PHE C 412 -20.85 36.21 0.64
N HIS C 413 -20.54 36.86 1.74
CA HIS C 413 -19.99 36.18 2.89
C HIS C 413 -18.93 35.19 2.43
N PRO C 414 -17.67 35.65 2.26
CA PRO C 414 -16.49 34.91 1.82
C PRO C 414 -15.76 33.88 2.68
N SER C 415 -16.34 33.40 3.78
CA SER C 415 -15.60 32.37 4.48
C SER C 415 -15.42 31.30 3.39
N PRO C 416 -14.18 30.94 3.10
CA PRO C 416 -13.94 29.94 2.07
C PRO C 416 -14.78 28.72 2.43
N LEU C 417 -15.43 28.11 1.44
CA LEU C 417 -16.26 26.91 1.59
C LEU C 417 -15.59 25.66 2.12
N MET C 418 -14.33 25.48 1.75
CA MET C 418 -13.53 24.37 2.25
C MET C 418 -13.14 24.74 3.70
N GLY C 419 -13.62 25.87 4.17
CA GLY C 419 -13.29 26.26 5.53
C GLY C 419 -11.97 27.03 5.58
N GLY C 420 -11.85 27.88 6.57
CA GLY C 420 -10.64 28.69 6.67
C GLY C 420 -11.03 30.12 6.72
N PHE C 421 -10.02 30.95 6.54
CA PHE C 421 -10.20 32.38 6.54
C PHE C 421 -10.22 32.89 5.12
N GLY C 422 -11.24 33.67 4.83
CA GLY C 422 -11.35 34.24 3.50
C GLY C 422 -10.56 35.53 3.47
N LEU C 423 -9.44 35.60 2.71
CA LEU C 423 -8.60 36.82 2.56
C LEU C 423 -8.68 37.48 1.21
N LYS C 424 -8.75 38.81 1.25
CA LYS C 424 -8.81 39.58 0.05
C LYS C 424 -7.44 39.58 -0.61
N HIS C 425 -6.42 39.89 0.19
CA HIS C 425 -5.01 39.88 -0.24
C HIS C 425 -4.29 38.91 0.69
N PRO C 426 -4.29 37.65 0.37
CA PRO C 426 -3.65 36.62 1.17
C PRO C 426 -2.17 36.63 1.04
N PRO C 427 -1.51 35.82 1.84
CA PRO C 427 -0.06 35.71 1.81
C PRO C 427 0.39 35.52 0.34
N PRO C 428 1.15 36.45 -0.22
CA PRO C 428 1.59 36.35 -1.62
C PRO C 428 2.29 35.07 -2.01
N GLN C 429 2.09 34.66 -3.24
CA GLN C 429 2.71 33.47 -3.75
C GLN C 429 4.25 33.66 -3.71
N ILE C 430 5.01 32.69 -3.17
CA ILE C 430 6.49 32.74 -3.18
C ILE C 430 7.04 31.71 -4.16
N LEU C 431 7.82 32.20 -5.13
CA LEU C 431 8.37 31.32 -6.15
C LEU C 431 9.85 31.14 -6.16
N ILE C 432 10.29 30.03 -6.72
CA ILE C 432 11.69 29.75 -6.72
C ILE C 432 12.11 28.87 -7.89
N LYS C 433 13.22 29.20 -8.52
CA LYS C 433 13.70 28.46 -9.70
C LYS C 433 15.20 28.44 -9.64
N ASN C 434 15.83 27.56 -10.42
CA ASN C 434 17.28 27.54 -10.42
C ASN C 434 17.78 28.10 -11.72
N THR C 435 18.32 29.32 -11.69
CA THR C 435 18.89 29.92 -12.89
C THR C 435 19.63 28.79 -13.60
N PRO C 436 19.33 28.56 -14.88
CA PRO C 436 19.95 27.52 -15.71
C PRO C 436 21.44 27.61 -15.82
N VAL C 437 22.05 26.47 -16.12
CA VAL C 437 23.49 26.38 -16.30
C VAL C 437 23.93 25.72 -17.63
N PRO C 438 24.00 26.51 -18.73
CA PRO C 438 24.39 26.03 -20.05
C PRO C 438 25.61 25.17 -20.01
N ALA C 439 25.40 23.91 -20.30
CA ALA C 439 26.52 23.02 -20.27
C ALA C 439 27.22 23.17 -21.59
N ASN C 440 28.55 23.13 -21.52
CA ASN C 440 29.45 23.25 -22.68
C ASN C 440 28.85 23.50 -24.06
N PRO C 441 29.07 24.73 -24.61
CA PRO C 441 28.62 25.24 -25.91
C PRO C 441 29.63 25.00 -26.98
N SER C 442 29.19 25.01 -28.22
CA SER C 442 30.11 24.73 -29.29
C SER C 442 30.88 25.97 -29.68
N THR C 443 32.12 25.75 -30.13
CA THR C 443 33.08 26.77 -30.57
C THR C 443 32.48 27.61 -31.65
N THR C 444 31.82 26.99 -32.61
CA THR C 444 31.22 27.77 -33.67
C THR C 444 29.79 28.21 -33.30
N PHE C 445 29.50 29.50 -33.48
CA PHE C 445 28.21 30.12 -33.17
C PHE C 445 26.96 29.45 -33.74
N SER C 446 25.86 29.56 -33.00
CA SER C 446 24.55 29.05 -33.41
C SER C 446 23.53 29.85 -32.65
N ALA C 447 22.54 30.32 -33.39
CA ALA C 447 21.54 31.16 -32.76
C ALA C 447 20.34 30.39 -32.24
N ALA C 448 20.48 29.08 -32.08
CA ALA C 448 19.36 28.31 -31.55
C ALA C 448 19.21 28.46 -30.06
N LYS C 449 18.05 28.09 -29.54
CA LYS C 449 17.81 28.20 -28.10
C LYS C 449 18.75 27.21 -27.44
N PHE C 450 19.30 27.59 -26.30
CA PHE C 450 20.19 26.68 -25.62
C PHE C 450 19.36 25.55 -25.06
N ALA C 451 19.83 24.32 -25.25
CA ALA C 451 19.11 23.13 -24.81
C ALA C 451 19.89 22.13 -23.93
N SER C 452 21.19 22.32 -23.84
CA SER C 452 22.07 21.43 -23.06
C SER C 452 22.62 22.05 -21.82
N PHE C 453 21.91 21.87 -20.72
CA PHE C 453 22.39 22.41 -19.48
C PHE C 453 22.90 21.38 -18.53
N ILE C 454 23.64 21.93 -17.59
CA ILE C 454 24.23 21.20 -16.51
C ILE C 454 23.09 20.70 -15.69
N THR C 455 23.19 19.44 -15.33
CA THR C 455 22.17 18.80 -14.50
C THR C 455 22.46 19.19 -13.07
N GLN C 456 21.47 19.79 -12.41
CA GLN C 456 21.66 20.20 -11.03
C GLN C 456 20.39 20.63 -10.28
N TYR C 457 20.39 20.52 -8.96
CA TYR C 457 19.22 20.93 -8.19
C TYR C 457 19.66 21.73 -6.97
N SER C 458 18.69 22.23 -6.24
CA SER C 458 19.04 23.03 -5.09
C SER C 458 18.42 22.47 -3.85
N THR C 459 18.75 23.09 -2.72
CA THR C 459 18.23 22.66 -1.43
C THR C 459 18.52 23.75 -0.37
N GLY C 460 18.19 23.54 0.88
CA GLY C 460 18.46 24.60 1.84
C GLY C 460 17.23 24.68 2.70
N GLN C 461 17.21 25.45 3.79
CA GLN C 461 16.03 25.48 4.61
C GLN C 461 15.22 26.71 4.51
N VAL C 462 13.99 26.58 4.97
CA VAL C 462 13.05 27.66 4.95
C VAL C 462 12.37 27.75 6.30
N SER C 463 12.01 28.98 6.69
CA SER C 463 11.37 29.24 7.97
C SER C 463 10.18 30.22 7.91
N VAL C 464 9.14 29.88 8.66
CA VAL C 464 7.92 30.66 8.69
C VAL C 464 7.35 30.82 10.08
N GLU C 465 7.20 32.06 10.46
CA GLU C 465 6.68 32.34 11.77
C GLU C 465 5.47 33.18 11.60
N ILE C 466 4.46 32.88 12.39
CA ILE C 466 3.19 33.58 12.33
C ILE C 466 2.59 33.89 13.67
N GLU C 467 2.02 35.08 13.79
CA GLU C 467 1.42 35.53 15.03
C GLU C 467 -0.06 35.49 14.93
N TRP C 468 -0.66 34.75 15.85
CA TRP C 468 -2.09 34.60 15.87
C TRP C 468 -2.70 35.23 17.06
N GLU C 469 -3.88 35.79 16.88
CA GLU C 469 -4.56 36.37 18.03
C GLU C 469 -5.58 35.40 18.59
N LEU C 470 -6.07 35.63 19.81
CA LEU C 470 -7.02 34.73 20.43
C LEU C 470 -8.14 35.43 21.11
N GLN C 471 -9.25 34.72 21.25
CA GLN C 471 -10.39 35.28 21.92
C GLN C 471 -10.54 34.28 23.03
N LYS C 472 -10.29 34.65 24.28
CA LYS C 472 -10.42 33.67 25.34
C LYS C 472 -11.86 33.39 25.75
N GLU C 473 -12.07 32.22 26.36
CA GLU C 473 -13.39 31.79 26.83
C GLU C 473 -13.97 32.75 27.87
N ASN C 474 -15.17 32.48 28.36
CA ASN C 474 -15.76 33.36 29.36
C ASN C 474 -17.22 33.01 29.64
N SER C 475 -17.47 31.77 30.01
CA SER C 475 -18.87 31.42 30.23
C SER C 475 -19.08 31.08 31.65
N LYS C 476 -20.25 31.42 32.16
CA LYS C 476 -20.63 31.11 33.52
C LYS C 476 -21.15 29.65 33.62
N ARG C 477 -20.92 28.90 32.55
CA ARG C 477 -21.28 27.49 32.52
C ARG C 477 -20.73 26.76 33.75
N TRP C 478 -21.60 26.23 34.60
CA TRP C 478 -21.10 25.56 35.80
C TRP C 478 -20.44 24.21 35.54
N ASN C 479 -21.21 23.27 35.01
CA ASN C 479 -20.73 21.92 34.67
C ASN C 479 -19.63 21.98 33.58
N PRO C 480 -18.63 21.06 33.63
CA PRO C 480 -17.47 20.89 32.74
C PRO C 480 -17.79 20.91 31.28
N GLU C 481 -16.87 21.50 30.52
CA GLU C 481 -17.00 21.61 29.08
C GLU C 481 -16.37 20.35 28.58
N ILE C 482 -16.44 20.19 27.29
CA ILE C 482 -15.82 19.04 26.71
C ILE C 482 -14.44 19.50 26.32
N GLN C 483 -13.48 18.61 26.38
CA GLN C 483 -12.14 18.97 25.98
C GLN C 483 -11.57 17.90 25.07
N TYR C 484 -10.54 18.22 24.32
CA TYR C 484 -9.98 17.16 23.50
C TYR C 484 -8.85 16.49 24.32
N THR C 485 -8.93 15.16 24.48
CA THR C 485 -7.95 14.37 25.24
C THR C 485 -7.34 13.27 24.43
N SER C 486 -6.28 12.64 24.90
CA SER C 486 -5.73 11.51 24.16
C SER C 486 -6.13 10.27 25.02
N ASN C 487 -6.56 9.14 24.43
CA ASN C 487 -6.97 7.89 25.14
C ASN C 487 -6.04 7.40 26.22
N TYR C 488 -6.58 7.01 27.34
CA TYR C 488 -5.71 6.61 28.43
C TYR C 488 -5.02 5.28 28.22
N ASN C 489 -5.83 4.31 27.84
CA ASN C 489 -5.44 2.94 27.64
C ASN C 489 -4.21 2.76 26.80
N LYS C 490 -3.47 1.70 27.12
CA LYS C 490 -2.24 1.38 26.41
C LYS C 490 -2.51 1.18 24.93
N SER C 491 -1.45 1.41 24.15
CA SER C 491 -1.53 1.26 22.70
C SER C 491 -0.14 0.93 22.17
N VAL C 492 -0.13 0.24 21.05
CA VAL C 492 1.15 -0.14 20.47
C VAL C 492 1.91 1.07 19.96
N ASN C 493 1.19 2.14 19.63
CA ASN C 493 1.84 3.35 19.15
C ASN C 493 1.22 4.61 19.66
N VAL C 494 2.04 5.59 19.97
CA VAL C 494 1.45 6.84 20.42
C VAL C 494 0.88 7.64 19.25
N ASP C 495 -0.22 8.34 19.47
CA ASP C 495 -0.79 9.11 18.37
C ASP C 495 0.03 10.34 18.00
N PHE C 496 0.26 10.53 16.71
CA PHE C 496 1.04 11.70 16.34
C PHE C 496 2.41 11.40 16.87
N THR C 497 3.00 10.39 16.24
CA THR C 497 4.28 9.90 16.56
C THR C 497 4.85 9.10 15.44
N VAL C 498 6.12 8.79 15.55
CA VAL C 498 6.73 8.01 14.53
C VAL C 498 6.62 6.55 14.92
N ASP C 499 6.23 5.73 13.96
CA ASP C 499 6.15 4.32 14.22
C ASP C 499 7.55 3.76 14.52
N THR C 500 7.64 2.46 14.40
CA THR C 500 8.86 1.72 14.61
C THR C 500 9.89 2.14 13.53
N ASN C 501 9.43 2.41 12.31
CA ASN C 501 10.33 2.81 11.19
C ASN C 501 10.36 4.33 10.99
N GLY C 502 10.16 5.06 12.07
CA GLY C 502 10.15 6.53 12.02
C GLY C 502 9.22 7.21 11.04
N VAL C 503 7.97 6.78 10.97
CA VAL C 503 7.04 7.40 10.04
C VAL C 503 5.99 8.13 10.83
N TYR C 504 6.10 9.45 10.88
CA TYR C 504 5.13 10.23 11.63
C TYR C 504 3.76 10.00 11.02
N SER C 505 2.72 10.10 11.83
CA SER C 505 1.35 9.89 11.36
C SER C 505 0.27 10.46 12.23
N GLU C 506 -0.65 11.17 11.59
CA GLU C 506 -1.79 11.77 12.26
C GLU C 506 -2.92 10.78 12.26
N PRO C 507 -3.26 10.27 13.45
CA PRO C 507 -4.32 9.29 13.64
C PRO C 507 -5.69 9.78 13.25
N ARG C 508 -6.10 10.91 13.78
CA ARG C 508 -7.43 11.34 13.44
C ARG C 508 -7.39 12.80 13.06
N PRO C 509 -8.49 13.32 12.48
CA PRO C 509 -8.53 14.74 12.11
C PRO C 509 -8.92 15.44 13.42
N ILE C 510 -8.38 16.59 13.77
CA ILE C 510 -8.83 17.18 15.01
C ILE C 510 -9.51 18.45 14.68
N GLY C 511 -10.74 18.58 15.15
CA GLY C 511 -11.47 19.78 14.82
C GLY C 511 -11.04 20.99 15.59
N THR C 512 -12.01 21.85 15.88
CA THR C 512 -11.79 23.07 16.65
C THR C 512 -12.86 23.44 17.69
N ARG C 513 -14.10 23.05 17.45
CA ARG C 513 -15.19 23.30 18.37
C ARG C 513 -15.29 22.28 19.52
N TYR C 514 -14.96 22.73 20.71
CA TYR C 514 -15.06 21.83 21.87
C TYR C 514 -15.65 22.65 22.96
N LEU C 515 -15.11 23.84 23.11
CA LEU C 515 -15.64 24.74 24.09
C LEU C 515 -17.08 25.12 23.70
N THR C 516 -17.95 25.28 24.69
CA THR C 516 -19.37 25.59 24.48
C THR C 516 -19.94 26.94 24.85
N ARG C 517 -20.27 27.69 23.82
CA ARG C 517 -20.90 29.00 23.97
C ARG C 517 -22.40 28.97 23.68
N ASN C 518 -23.18 29.82 24.35
CA ASN C 518 -24.60 29.80 24.08
C ASN C 518 -24.83 30.64 22.85
N LEU C 519 -25.95 30.32 22.25
CA LEU C 519 -26.43 30.86 21.01
C LEU C 519 -27.15 32.14 21.33
#